data_2CLZ
#
_entry.id   2CLZ
#
_cell.length_a   66.588
_cell.length_b   90.759
_cell.length_c   89.248
_cell.angle_alpha   90.00
_cell.angle_beta   111.35
_cell.angle_gamma   90.00
#
_symmetry.space_group_name_H-M   'P 1 21 1'
#
loop_
_entity.id
_entity.type
_entity.pdbx_description
1 polymer 'H-2 CLASS I HISTOCOMPATIBILITY ANTIGEN, K-B ALPHA CHAIN'
2 polymer 'BETA-2 MICROGLOBULIN'
3 polymer 'RBM5 PROTEIN'
4 water water
#
loop_
_entity_poly.entity_id
_entity_poly.type
_entity_poly.pdbx_seq_one_letter_code
_entity_poly.pdbx_strand_id
1 'polypeptide(L)'
;GPHSLRYFVTAVSRPGLGEPRFISVGYVDNTEFVRFDSDAENPRYEPRARWMEQEGPEYWERETQKAKGNEQSFRVDLRT
LLGYYNQSKGGSHTIQVISGCEVGSDGRLLRGYQQYAYDGCDYIALNEDLKTWTAADMAALITKHKWEQAGEAERLRAYL
EGTCVEWLRRYLKNGNATLLRTDSPKAHVTHHSRPEDKVTLRCWALGFYPADITLTWQLNGEELIQDMELVETRPAGDGT
FQKWASVVVPLGKEQYYTCHVYHQGLPEPLTLRWEPPPS
;
A,H
2 'polypeptide(L)'
;IQKTPQIQVYSRHPPENGKPNILNCYVTQFHPPHIEIQMLKNGKKIPKVEMSDMSFSKDWSFYILAHTEFTPTETDTYAC
RVKHDSMAEPKTVYWDRDM
;
B,P
3 'polypeptide(L)' INFDFNTI C,M
#
# COMPACT_ATOMS: atom_id res chain seq x y z
N GLY A 1 17.56 -17.72 13.65
CA GLY A 1 17.17 -19.13 13.34
C GLY A 1 17.16 -19.40 11.84
N PRO A 2 16.51 -20.51 11.42
CA PRO A 2 16.49 -20.91 10.01
C PRO A 2 15.54 -20.09 9.13
N HIS A 3 15.81 -20.09 7.83
CA HIS A 3 14.96 -19.38 6.85
C HIS A 3 14.71 -20.26 5.63
N SER A 4 13.69 -19.89 4.83
CA SER A 4 13.35 -20.69 3.65
C SER A 4 12.78 -19.86 2.51
N LEU A 5 13.14 -20.25 1.29
CA LEU A 5 12.52 -19.75 0.09
C LEU A 5 11.95 -20.97 -0.61
N ARG A 6 10.63 -20.98 -0.82
CA ARG A 6 9.96 -22.12 -1.45
C ARG A 6 8.94 -21.61 -2.46
N TYR A 7 8.81 -22.35 -3.56
CA TYR A 7 7.79 -22.06 -4.57
C TYR A 7 6.85 -23.25 -4.64
N PHE A 8 5.57 -22.96 -4.56
CA PHE A 8 4.50 -23.96 -4.56
C PHE A 8 3.79 -23.73 -5.88
N VAL A 9 3.87 -24.69 -6.79
CA VAL A 9 3.41 -24.49 -8.17
C VAL A 9 2.34 -25.51 -8.53
N THR A 10 1.27 -25.06 -9.18
CA THR A 10 0.16 -25.96 -9.55
C THR A 10 -0.30 -25.74 -10.99
N ALA A 11 -0.55 -26.84 -11.70
CA ALA A 11 -1.36 -26.79 -12.93
C ALA A 11 -2.51 -27.76 -12.82
N VAL A 12 -3.69 -27.32 -13.27
CA VAL A 12 -4.91 -28.14 -13.24
C VAL A 12 -5.50 -28.17 -14.64
N SER A 13 -5.58 -29.36 -15.22
CA SER A 13 -6.11 -29.51 -16.58
C SER A 13 -7.61 -29.33 -16.55
N ARG A 14 -8.14 -28.81 -17.66
CA ARG A 14 -9.54 -28.50 -17.81
C ARG A 14 -9.99 -28.88 -19.23
N PRO A 15 -9.96 -30.19 -19.59
CA PRO A 15 -10.35 -30.55 -20.97
C PRO A 15 -11.73 -29.98 -21.33
N GLY A 16 -11.81 -29.27 -22.47
CA GLY A 16 -13.06 -28.60 -22.89
C GLY A 16 -13.49 -27.44 -22.00
N LEU A 17 -12.52 -26.87 -21.28
CA LEU A 17 -12.73 -25.68 -20.46
C LEU A 17 -11.52 -24.75 -20.62
N GLY A 18 -10.74 -25.01 -21.67
CA GLY A 18 -9.56 -24.23 -21.97
C GLY A 18 -8.25 -24.85 -21.51
N GLU A 19 -7.19 -24.05 -21.56
CA GLU A 19 -5.86 -24.48 -21.16
C GLU A 19 -5.81 -24.75 -19.67
N PRO A 20 -4.86 -25.59 -19.21
CA PRO A 20 -4.72 -25.77 -17.77
C PRO A 20 -4.48 -24.47 -17.03
N ARG A 21 -5.08 -24.35 -15.85
CA ARG A 21 -4.77 -23.23 -15.00
C ARG A 21 -3.45 -23.48 -14.30
N PHE A 22 -2.56 -22.49 -14.37
CA PHE A 22 -1.22 -22.58 -13.79
C PHE A 22 -1.05 -21.46 -12.76
N ILE A 23 -0.69 -21.85 -11.53
CA ILE A 23 -0.47 -20.88 -10.46
C ILE A 23 0.89 -21.17 -9.81
N SER A 24 1.69 -20.14 -9.64
CA SER A 24 3.00 -20.27 -9.03
C SER A 24 3.06 -19.25 -7.90
N VAL A 25 3.42 -19.71 -6.70
CA VAL A 25 3.40 -18.84 -5.52
C VAL A 25 4.73 -18.99 -4.79
N GLY A 26 5.39 -17.88 -4.50
CA GLY A 26 6.63 -17.90 -3.73
C GLY A 26 6.42 -17.57 -2.26
N TYR A 27 7.20 -18.21 -1.39
CA TYR A 27 7.14 -17.96 0.04
C TYR A 27 8.55 -17.71 0.58
N VAL A 28 8.71 -16.65 1.37
CA VAL A 28 9.91 -16.48 2.21
C VAL A 28 9.48 -16.80 3.64
N ASP A 29 10.21 -17.70 4.29
CA ASP A 29 9.90 -18.09 5.68
C ASP A 29 8.41 -18.33 5.86
N ASN A 30 7.82 -19.04 4.90
CA ASN A 30 6.41 -19.46 4.93
C ASN A 30 5.38 -18.32 4.73
N THR A 31 5.85 -17.17 4.25
CA THR A 31 5.04 -15.97 3.98
C THR A 31 5.02 -15.70 2.46
N GLU A 32 3.81 -15.63 1.87
CA GLU A 32 3.71 -15.40 0.43
C GLU A 32 4.27 -14.03 0.06
N PHE A 33 5.14 -13.99 -0.96
CA PHE A 33 5.75 -12.70 -1.37
C PHE A 33 5.64 -12.43 -2.88
N VAL A 34 5.35 -13.46 -3.66
CA VAL A 34 5.13 -13.36 -5.11
C VAL A 34 4.07 -14.34 -5.60
N ARG A 35 3.34 -13.96 -6.64
CA ARG A 35 2.34 -14.85 -7.23
C ARG A 35 2.17 -14.63 -8.73
N PHE A 36 2.10 -15.74 -9.47
CA PHE A 36 1.75 -15.73 -10.89
C PHE A 36 0.50 -16.60 -11.07
N ASP A 37 -0.47 -16.12 -11.85
CA ASP A 37 -1.69 -16.89 -12.10
C ASP A 37 -2.07 -16.74 -13.57
N SER A 38 -2.10 -17.86 -14.29
CA SER A 38 -2.34 -17.85 -15.75
C SER A 38 -3.71 -17.32 -16.14
N ASP A 39 -4.64 -17.30 -15.18
CA ASP A 39 -6.02 -16.88 -15.40
C ASP A 39 -6.21 -15.37 -15.26
N ALA A 40 -5.17 -14.68 -14.80
CA ALA A 40 -5.23 -13.21 -14.76
C ALA A 40 -5.41 -12.63 -16.17
N GLU A 41 -5.98 -11.42 -16.25
CA GLU A 41 -6.19 -10.73 -17.53
C GLU A 41 -4.90 -10.70 -18.35
N ASN A 42 -3.83 -10.17 -17.77
CA ASN A 42 -2.49 -10.29 -18.35
C ASN A 42 -1.51 -10.96 -17.36
N PRO A 43 -1.22 -12.26 -17.58
CA PRO A 43 -0.43 -13.07 -16.65
C PRO A 43 1.00 -12.54 -16.45
N ARG A 44 1.28 -12.14 -15.22
CA ARG A 44 2.56 -11.57 -14.84
C ARG A 44 2.86 -11.99 -13.40
N TYR A 45 4.13 -12.16 -13.08
CA TYR A 45 4.50 -12.37 -11.68
C TYR A 45 4.30 -11.05 -10.94
N GLU A 46 3.57 -11.09 -9.83
CA GLU A 46 3.23 -9.89 -9.07
C GLU A 46 3.82 -9.90 -7.66
N PRO A 47 4.20 -8.71 -7.12
CA PRO A 47 4.56 -8.66 -5.70
C PRO A 47 3.34 -8.91 -4.82
N ARG A 48 3.54 -9.60 -3.70
CA ARG A 48 2.47 -9.87 -2.75
C ARG A 48 2.85 -9.37 -1.36
N ALA A 49 4.02 -8.74 -1.29
CA ALA A 49 4.46 -8.04 -0.10
C ALA A 49 5.06 -6.74 -0.57
N ARG A 50 4.84 -5.67 0.21
CA ARG A 50 5.27 -4.33 -0.18
C ARG A 50 6.77 -4.20 -0.38
N TRP A 51 7.56 -4.94 0.43
CA TRP A 51 9.02 -4.91 0.31
C TRP A 51 9.57 -5.51 -1.00
N MET A 52 8.71 -6.22 -1.72
CA MET A 52 9.08 -6.73 -3.05
C MET A 52 8.92 -5.69 -4.15
N GLU A 53 8.23 -4.60 -3.84
CA GLU A 53 7.91 -3.59 -4.85
C GLU A 53 9.15 -2.86 -5.34
N GLN A 54 10.22 -2.90 -4.55
CA GLN A 54 11.49 -2.30 -4.92
C GLN A 54 12.30 -3.08 -5.97
N GLU A 55 11.89 -4.30 -6.32
CA GLU A 55 12.56 -5.02 -7.40
C GLU A 55 12.16 -4.37 -8.71
N GLY A 56 13.15 -4.08 -9.54
CA GLY A 56 12.93 -3.37 -10.79
C GLY A 56 12.20 -4.14 -11.88
N PRO A 57 11.86 -3.46 -12.99
CA PRO A 57 11.13 -4.06 -14.11
C PRO A 57 11.77 -5.34 -14.68
N GLU A 58 13.10 -5.38 -14.79
CA GLU A 58 13.76 -6.53 -15.38
C GLU A 58 13.57 -7.80 -14.55
N TYR A 59 13.56 -7.66 -13.22
CA TYR A 59 13.24 -8.79 -12.34
C TYR A 59 11.88 -9.40 -12.71
N TRP A 60 10.84 -8.55 -12.75
CA TRP A 60 9.48 -9.01 -13.03
C TRP A 60 9.34 -9.62 -14.44
N GLU A 61 10.01 -9.02 -15.43
CA GLU A 61 10.04 -9.58 -16.77
C GLU A 61 10.61 -11.00 -16.81
N ARG A 62 11.82 -11.14 -16.27
CA ARG A 62 12.57 -12.40 -16.25
C ARG A 62 11.79 -13.50 -15.55
N GLU A 63 11.18 -13.16 -14.43
CA GLU A 63 10.49 -14.18 -13.63
C GLU A 63 9.12 -14.51 -14.21
N THR A 64 8.51 -13.54 -14.88
CA THR A 64 7.25 -13.79 -15.60
C THR A 64 7.55 -14.77 -16.74
N GLN A 65 8.65 -14.54 -17.44
CA GLN A 65 9.03 -15.43 -18.54
C GLN A 65 9.39 -16.84 -18.05
N LYS A 66 10.03 -16.94 -16.90
CA LYS A 66 10.33 -18.24 -16.27
C LYS A 66 9.05 -19.00 -15.93
N ALA A 67 8.08 -18.29 -15.37
CA ALA A 67 6.79 -18.89 -15.00
C ALA A 67 6.08 -19.41 -16.24
N LYS A 68 6.11 -18.63 -17.33
CA LYS A 68 5.48 -19.03 -18.59
C LYS A 68 6.14 -20.28 -19.15
N GLY A 69 7.45 -20.38 -18.99
CA GLY A 69 8.18 -21.61 -19.35
C GLY A 69 7.84 -22.81 -18.48
N ASN A 70 7.78 -22.60 -17.16
CA ASN A 70 7.30 -23.62 -16.24
C ASN A 70 5.86 -24.05 -16.53
N GLU A 71 5.04 -23.10 -16.96
CA GLU A 71 3.65 -23.39 -17.33
C GLU A 71 3.63 -24.39 -18.49
N GLN A 72 4.51 -24.17 -19.47
CA GLN A 72 4.61 -25.05 -20.64
C GLN A 72 5.05 -26.44 -20.24
N SER A 73 6.06 -26.52 -19.38
CA SER A 73 6.54 -27.80 -18.85
C SER A 73 5.42 -28.56 -18.13
N PHE A 74 4.64 -27.85 -17.32
CA PHE A 74 3.51 -28.46 -16.60
C PHE A 74 2.39 -28.94 -17.53
N ARG A 75 2.08 -28.15 -18.55
CA ARG A 75 1.16 -28.55 -19.62
C ARG A 75 1.62 -29.89 -20.24
N VAL A 76 2.89 -29.95 -20.62
CA VAL A 76 3.50 -31.19 -21.15
C VAL A 76 3.47 -32.34 -20.15
N ASP A 77 3.85 -32.06 -18.89
CA ASP A 77 3.82 -33.03 -17.79
C ASP A 77 2.46 -33.72 -17.68
N LEU A 78 1.41 -32.90 -17.69
CA LEU A 78 0.04 -33.39 -17.60
C LEU A 78 -0.34 -34.34 -18.75
N ARG A 79 -0.01 -33.95 -19.98
CA ARG A 79 -0.26 -34.83 -21.14
C ARG A 79 0.51 -36.15 -20.99
N THR A 80 1.77 -36.06 -20.54
CA THR A 80 2.62 -37.22 -20.32
C THR A 80 2.05 -38.15 -19.24
N LEU A 81 1.67 -37.58 -18.11
CA LEU A 81 1.13 -38.36 -16.98
C LEU A 81 -0.17 -39.06 -17.32
N LEU A 82 -0.99 -38.42 -18.15
CA LEU A 82 -2.21 -39.03 -18.67
C LEU A 82 -1.90 -40.36 -19.34
N GLY A 83 -0.82 -40.42 -20.12
CA GLY A 83 -0.36 -41.66 -20.74
C GLY A 83 0.22 -42.67 -19.77
N TYR A 84 1.04 -42.20 -18.83
CA TYR A 84 1.69 -43.07 -17.82
C TYR A 84 0.70 -43.83 -16.94
N TYR A 85 -0.40 -43.18 -16.60
CA TYR A 85 -1.41 -43.77 -15.76
C TYR A 85 -2.59 -44.33 -16.57
N ASN A 86 -2.41 -44.37 -17.89
CA ASN A 86 -3.43 -44.83 -18.86
C ASN A 86 -4.83 -44.25 -18.60
N GLN A 87 -4.88 -42.93 -18.40
CA GLN A 87 -6.13 -42.24 -18.12
C GLN A 87 -6.75 -41.64 -19.38
N SER A 88 -8.07 -41.44 -19.34
CA SER A 88 -8.80 -40.89 -20.49
C SER A 88 -8.50 -39.40 -20.65
N LYS A 89 -8.52 -38.93 -21.90
CA LYS A 89 -8.17 -37.53 -22.21
C LYS A 89 -9.19 -36.50 -21.71
N GLY A 90 -10.33 -36.97 -21.20
CA GLY A 90 -11.43 -36.09 -20.81
C GLY A 90 -11.48 -35.63 -19.37
N GLY A 91 -10.64 -36.22 -18.50
CA GLY A 91 -10.71 -35.95 -17.07
C GLY A 91 -9.82 -34.79 -16.64
N SER A 92 -10.17 -34.16 -15.53
CA SER A 92 -9.33 -33.11 -14.90
C SER A 92 -8.28 -33.70 -13.96
N HIS A 93 -7.04 -33.21 -14.08
CA HIS A 93 -5.94 -33.74 -13.27
C HIS A 93 -5.05 -32.60 -12.78
N THR A 94 -4.32 -32.84 -11.71
CA THR A 94 -3.49 -31.79 -11.12
C THR A 94 -2.05 -32.26 -10.99
N ILE A 95 -1.12 -31.35 -11.21
CA ILE A 95 0.28 -31.59 -10.91
C ILE A 95 0.73 -30.46 -9.95
N GLN A 96 1.53 -30.81 -8.95
CA GLN A 96 1.99 -29.82 -7.98
C GLN A 96 3.46 -30.02 -7.74
N VAL A 97 4.15 -28.93 -7.46
CA VAL A 97 5.57 -29.01 -7.10
C VAL A 97 5.81 -28.08 -5.92
N ILE A 98 6.62 -28.56 -4.99
CA ILE A 98 7.24 -27.74 -3.98
C ILE A 98 8.73 -27.80 -4.25
N SER A 99 9.30 -26.62 -4.47
CA SER A 99 10.74 -26.46 -4.78
C SER A 99 11.34 -25.37 -3.89
N GLY A 100 12.60 -25.54 -3.50
CA GLY A 100 13.30 -24.47 -2.81
C GLY A 100 14.31 -24.92 -1.78
N CYS A 101 14.63 -24.01 -0.88
CA CYS A 101 15.74 -24.25 0.01
C CYS A 101 15.40 -23.82 1.43
N GLU A 102 15.97 -24.53 2.41
CA GLU A 102 15.94 -24.08 3.79
C GLU A 102 17.38 -23.90 4.23
N VAL A 103 17.68 -22.76 4.84
CA VAL A 103 19.05 -22.45 5.29
C VAL A 103 19.06 -22.12 6.77
N GLY A 104 20.10 -22.59 7.48
CA GLY A 104 20.24 -22.30 8.89
C GLY A 104 20.76 -20.92 9.17
N SER A 105 20.85 -20.60 10.47
CA SER A 105 21.40 -19.34 10.99
C SER A 105 22.75 -18.97 10.37
N ASP A 106 23.54 -19.99 10.06
CA ASP A 106 24.93 -19.81 9.60
C ASP A 106 25.02 -19.69 8.07
N GLY A 107 23.86 -19.67 7.39
CA GLY A 107 23.81 -19.52 5.95
C GLY A 107 24.07 -20.79 5.16
N ARG A 108 24.27 -21.91 5.84
CA ARG A 108 24.43 -23.18 5.18
C ARG A 108 23.07 -23.79 4.84
N LEU A 109 23.02 -24.50 3.72
CA LEU A 109 21.80 -25.20 3.31
C LEU A 109 21.50 -26.33 4.28
N LEU A 110 20.27 -26.34 4.79
CA LEU A 110 19.81 -27.43 5.63
C LEU A 110 19.09 -28.46 4.77
N ARG A 111 18.22 -27.97 3.90
CA ARG A 111 17.42 -28.84 3.05
C ARG A 111 17.14 -28.17 1.72
N GLY A 112 17.22 -28.96 0.64
CA GLY A 112 16.82 -28.52 -0.68
C GLY A 112 15.63 -29.35 -1.14
N TYR A 113 14.61 -28.69 -1.67
CA TYR A 113 13.34 -29.34 -2.04
C TYR A 113 13.11 -29.42 -3.53
N GLN A 114 12.61 -30.57 -3.99
CA GLN A 114 12.01 -30.69 -5.31
C GLN A 114 11.08 -31.90 -5.26
N GLN A 115 9.82 -31.65 -4.90
CA GLN A 115 8.82 -32.71 -4.72
C GLN A 115 7.71 -32.51 -5.74
N TYR A 116 7.27 -33.61 -6.34
CA TYR A 116 6.18 -33.59 -7.30
C TYR A 116 5.05 -34.44 -6.76
N ALA A 117 3.83 -34.01 -7.07
CA ALA A 117 2.62 -34.78 -6.81
C ALA A 117 1.73 -34.73 -8.04
N TYR A 118 1.13 -35.89 -8.32
CA TYR A 118 0.12 -36.03 -9.37
C TYR A 118 -1.20 -36.43 -8.73
N ASP A 119 -2.23 -35.66 -9.03
CA ASP A 119 -3.57 -35.84 -8.45
C ASP A 119 -3.55 -35.94 -6.91
N GLY A 120 -2.71 -35.12 -6.28
CA GLY A 120 -2.65 -35.04 -4.82
C GLY A 120 -1.85 -36.11 -4.11
N CYS A 121 -1.16 -36.97 -4.86
CA CYS A 121 -0.32 -38.02 -4.29
C CYS A 121 1.13 -37.87 -4.75
N ASP A 122 2.07 -38.24 -3.88
CA ASP A 122 3.48 -38.13 -4.20
C ASP A 122 3.78 -38.83 -5.51
N TYR A 123 4.63 -38.19 -6.31
CA TYR A 123 5.07 -38.76 -7.58
C TYR A 123 6.56 -39.06 -7.51
N ILE A 124 7.36 -38.02 -7.39
CA ILE A 124 8.81 -38.16 -7.29
C ILE A 124 9.35 -37.01 -6.44
N ALA A 125 10.45 -37.25 -5.72
CA ALA A 125 11.03 -36.22 -4.87
C ALA A 125 12.54 -36.31 -4.81
N LEU A 126 13.23 -35.16 -4.77
CA LEU A 126 14.69 -35.18 -4.65
C LEU A 126 15.09 -35.55 -3.22
N ASN A 127 16.02 -36.51 -3.11
CA ASN A 127 16.51 -36.95 -1.81
C ASN A 127 17.42 -35.92 -1.17
N GLU A 128 17.59 -36.02 0.14
CA GLU A 128 18.43 -35.10 0.92
C GLU A 128 19.88 -35.05 0.46
N ASP A 129 20.35 -36.12 -0.19
CA ASP A 129 21.68 -36.13 -0.81
C ASP A 129 21.84 -35.16 -1.99
N LEU A 130 20.70 -34.70 -2.53
CA LEU A 130 20.68 -33.78 -3.69
C LEU A 130 21.30 -34.37 -4.96
N LYS A 131 21.36 -35.69 -4.99
CA LYS A 131 21.97 -36.43 -6.09
C LYS A 131 21.03 -37.46 -6.67
N THR A 132 20.20 -38.04 -5.82
CA THR A 132 19.31 -39.15 -6.20
C THR A 132 17.83 -38.82 -6.01
N TRP A 133 16.96 -39.69 -6.52
CA TRP A 133 15.50 -39.49 -6.49
C TRP A 133 14.76 -40.65 -5.85
N THR A 134 13.67 -40.33 -5.15
CA THR A 134 12.73 -41.34 -4.69
C THR A 134 11.48 -41.27 -5.56
N ALA A 135 11.22 -42.35 -6.30
CA ALA A 135 10.01 -42.48 -7.10
C ALA A 135 8.93 -43.18 -6.29
N ALA A 136 7.72 -42.62 -6.29
CA ALA A 136 6.62 -43.16 -5.47
C ALA A 136 5.99 -44.42 -6.03
N ASP A 137 6.03 -44.57 -7.35
CA ASP A 137 5.42 -45.72 -8.02
C ASP A 137 6.17 -46.10 -9.29
N MET A 138 5.55 -46.95 -10.12
CA MET A 138 6.13 -47.43 -11.38
C MET A 138 6.32 -46.31 -12.40
N ALA A 139 5.28 -45.48 -12.55
CA ALA A 139 5.31 -44.38 -13.51
C ALA A 139 6.46 -43.41 -13.21
N ALA A 140 6.66 -43.09 -11.93
CA ALA A 140 7.70 -42.14 -11.51
C ALA A 140 9.11 -42.67 -11.75
N LEU A 141 9.25 -43.99 -11.85
CA LEU A 141 10.51 -44.64 -12.22
C LEU A 141 10.97 -44.26 -13.62
N ILE A 142 10.01 -44.01 -14.52
CA ILE A 142 10.31 -43.51 -15.85
C ILE A 142 11.00 -42.15 -15.77
N THR A 143 10.43 -41.24 -14.97
CA THR A 143 10.99 -39.91 -14.74
C THR A 143 12.34 -39.97 -14.02
N LYS A 144 12.47 -40.86 -13.04
CA LYS A 144 13.73 -41.04 -12.31
C LYS A 144 14.89 -41.35 -13.27
N HIS A 145 14.65 -42.29 -14.18
CA HIS A 145 15.64 -42.71 -15.19
C HIS A 145 15.92 -41.58 -16.17
N LYS A 146 14.87 -40.94 -16.67
CA LYS A 146 15.03 -39.80 -17.57
C LYS A 146 15.94 -38.72 -16.97
N TRP A 147 15.65 -38.34 -15.73
CA TRP A 147 16.38 -37.24 -15.08
C TRP A 147 17.81 -37.63 -14.69
N GLU A 148 18.03 -38.90 -14.38
CA GLU A 148 19.38 -39.46 -14.23
C GLU A 148 20.13 -39.37 -15.56
N GLN A 149 19.44 -39.69 -16.66
CA GLN A 149 20.01 -39.66 -18.00
C GLN A 149 20.26 -38.23 -18.52
N ALA A 150 19.67 -37.24 -17.85
CA ALA A 150 19.84 -35.85 -18.24
C ALA A 150 20.77 -35.09 -17.29
N GLY A 151 21.15 -35.73 -16.19
CA GLY A 151 21.97 -35.09 -15.15
C GLY A 151 21.18 -34.03 -14.37
N GLU A 152 19.86 -34.15 -14.39
CA GLU A 152 18.96 -33.18 -13.77
C GLU A 152 19.28 -32.82 -12.33
N ALA A 153 19.76 -33.79 -11.55
CA ALA A 153 20.11 -33.57 -10.16
C ALA A 153 21.24 -32.55 -10.01
N GLU A 154 22.16 -32.53 -10.98
CA GLU A 154 23.30 -31.60 -10.95
C GLU A 154 22.89 -30.16 -11.27
N ARG A 155 22.08 -29.98 -12.31
CA ARG A 155 21.49 -28.67 -12.65
C ARG A 155 20.62 -28.16 -11.50
N LEU A 156 19.84 -29.06 -10.91
CA LEU A 156 19.00 -28.74 -9.75
C LEU A 156 19.82 -28.40 -8.51
N ARG A 157 20.88 -29.16 -8.27
CA ARG A 157 21.77 -28.95 -7.13
C ARG A 157 22.41 -27.56 -7.17
N ALA A 158 22.88 -27.14 -8.34
CA ALA A 158 23.49 -25.83 -8.52
C ALA A 158 22.51 -24.71 -8.14
N TYR A 159 21.24 -24.88 -8.52
CA TYR A 159 20.18 -23.92 -8.16
C TYR A 159 19.97 -23.87 -6.66
N LEU A 160 19.83 -25.04 -6.06
CA LEU A 160 19.48 -25.17 -4.64
C LEU A 160 20.54 -24.60 -3.70
N GLU A 161 21.80 -24.98 -3.95
CA GLU A 161 22.94 -24.54 -3.15
C GLU A 161 23.42 -23.13 -3.49
N GLY A 162 23.12 -22.69 -4.71
CA GLY A 162 23.60 -21.39 -5.18
C GLY A 162 22.46 -20.40 -5.30
N THR A 163 21.83 -20.41 -6.47
CA THR A 163 20.79 -19.43 -6.81
C THR A 163 19.76 -19.23 -5.68
N CYS A 164 19.22 -20.34 -5.16
CA CYS A 164 18.13 -20.27 -4.17
C CYS A 164 18.57 -19.54 -2.90
N VAL A 165 19.75 -19.95 -2.39
CA VAL A 165 20.32 -19.40 -1.17
C VAL A 165 20.64 -17.92 -1.33
N GLU A 166 21.29 -17.58 -2.44
CA GLU A 166 21.65 -16.18 -2.72
C GLU A 166 20.43 -15.28 -2.77
N TRP A 167 19.37 -15.74 -3.43
CA TRP A 167 18.16 -14.93 -3.55
C TRP A 167 17.41 -14.84 -2.23
N LEU A 168 17.36 -15.94 -1.49
CA LEU A 168 16.78 -15.91 -0.13
C LEU A 168 17.42 -14.81 0.72
N ARG A 169 18.76 -14.73 0.69
CA ARG A 169 19.50 -13.71 1.43
C ARG A 169 19.04 -12.30 1.05
N ARG A 170 18.94 -12.03 -0.24
CA ARG A 170 18.45 -10.76 -0.77
C ARG A 170 17.04 -10.45 -0.31
N TYR A 171 16.12 -11.41 -0.45
CA TYR A 171 14.74 -11.23 -0.01
C TYR A 171 14.64 -10.92 1.49
N LEU A 172 15.40 -11.67 2.30
CA LEU A 172 15.44 -11.44 3.74
C LEU A 172 15.89 -10.03 4.11
N LYS A 173 16.91 -9.52 3.41
CA LYS A 173 17.37 -8.14 3.64
C LYS A 173 16.24 -7.15 3.42
N ASN A 174 15.49 -7.33 2.33
CA ASN A 174 14.42 -6.40 2.00
C ASN A 174 13.18 -6.57 2.89
N GLY A 175 12.96 -7.79 3.35
CA GLY A 175 11.75 -8.15 4.10
C GLY A 175 11.86 -8.38 5.59
N ASN A 176 13.09 -8.38 6.12
CA ASN A 176 13.38 -8.62 7.56
C ASN A 176 12.41 -7.91 8.50
N ALA A 177 12.39 -6.58 8.42
CA ALA A 177 11.55 -5.74 9.27
C ALA A 177 10.08 -6.13 9.24
N THR A 178 9.61 -6.62 8.10
CA THR A 178 8.22 -7.03 7.95
C THR A 178 8.01 -8.48 8.40
N LEU A 179 8.96 -9.36 8.04
CA LEU A 179 8.85 -10.78 8.36
C LEU A 179 8.95 -11.04 9.86
N LEU A 180 9.58 -10.10 10.58
CA LEU A 180 9.79 -10.21 12.02
C LEU A 180 8.53 -9.94 12.83
N ARG A 181 7.46 -9.49 12.19
CA ARG A 181 6.19 -9.19 12.85
C ARG A 181 5.79 -10.30 13.83
N THR A 182 5.49 -9.90 15.06
CA THR A 182 4.96 -10.81 16.07
C THR A 182 3.81 -10.14 16.79
N ASP A 183 2.68 -10.85 16.85
CA ASP A 183 1.53 -10.36 17.60
C ASP A 183 1.19 -11.40 18.64
N SER A 184 1.25 -11.00 19.90
CA SER A 184 0.90 -11.87 21.01
C SER A 184 -0.61 -12.09 21.05
N PRO A 185 -1.03 -13.30 21.41
CA PRO A 185 -2.45 -13.56 21.64
C PRO A 185 -3.00 -12.73 22.79
N LYS A 186 -4.21 -12.22 22.57
CA LYS A 186 -5.05 -11.67 23.61
C LYS A 186 -6.10 -12.75 23.90
N ALA A 187 -6.22 -13.16 25.17
CA ALA A 187 -7.02 -14.32 25.54
C ALA A 187 -8.19 -13.98 26.47
N HIS A 188 -9.25 -14.79 26.41
CA HIS A 188 -10.40 -14.64 27.31
C HIS A 188 -11.19 -15.95 27.40
N VAL A 189 -11.92 -16.14 28.49
CA VAL A 189 -12.70 -17.37 28.67
C VAL A 189 -14.18 -17.04 28.59
N THR A 190 -14.90 -17.84 27.82
CA THR A 190 -16.36 -17.75 27.74
C THR A 190 -16.99 -18.95 28.44
N HIS A 191 -18.27 -18.81 28.77
CA HIS A 191 -19.00 -19.74 29.61
C HIS A 191 -20.30 -20.07 28.88
N HIS A 192 -20.58 -21.36 28.73
CA HIS A 192 -21.76 -21.82 27.99
C HIS A 192 -22.41 -22.99 28.71
N SER A 193 -23.74 -23.06 28.63
CA SER A 193 -24.52 -24.10 29.31
C SER A 193 -24.37 -25.46 28.64
N ARG A 194 -24.41 -26.51 29.45
CA ARG A 194 -24.51 -27.89 28.95
C ARG A 194 -25.70 -28.55 29.64
N PRO A 195 -26.18 -29.70 29.12
CA PRO A 195 -27.28 -30.34 29.83
C PRO A 195 -26.99 -30.58 31.31
N GLU A 196 -28.04 -30.59 32.13
CA GLU A 196 -27.91 -30.97 33.53
C GLU A 196 -26.88 -30.09 34.25
N ASP A 197 -25.97 -30.71 34.99
CA ASP A 197 -25.13 -29.96 35.93
C ASP A 197 -23.72 -29.69 35.39
N LYS A 198 -23.61 -29.49 34.07
CA LYS A 198 -22.30 -29.27 33.46
C LYS A 198 -22.28 -27.94 32.69
N VAL A 199 -21.10 -27.35 32.56
CA VAL A 199 -20.91 -26.15 31.75
C VAL A 199 -19.67 -26.29 30.85
N THR A 200 -19.64 -25.51 29.79
CA THR A 200 -18.48 -25.47 28.88
C THR A 200 -17.70 -24.20 29.11
N LEU A 201 -16.40 -24.36 29.34
CA LEU A 201 -15.47 -23.25 29.44
C LEU A 201 -14.63 -23.28 28.18
N ARG A 202 -14.62 -22.16 27.47
CA ARG A 202 -13.92 -22.04 26.19
C ARG A 202 -12.89 -20.94 26.30
N CYS A 203 -11.63 -21.32 26.10
CA CYS A 203 -10.53 -20.40 26.18
C CYS A 203 -10.18 -19.93 24.78
N TRP A 204 -10.29 -18.62 24.56
CA TRP A 204 -10.06 -18.04 23.27
C TRP A 204 -8.70 -17.34 23.20
N ALA A 205 -7.97 -17.59 22.11
CA ALA A 205 -6.80 -16.81 21.79
C ALA A 205 -7.01 -16.08 20.45
N LEU A 206 -6.91 -14.76 20.48
CA LEU A 206 -7.19 -13.94 19.30
C LEU A 206 -6.06 -12.94 18.98
N GLY A 207 -5.99 -12.56 17.70
CA GLY A 207 -5.07 -11.52 17.23
C GLY A 207 -3.60 -11.88 17.16
N PHE A 208 -3.29 -13.18 17.10
CA PHE A 208 -1.89 -13.57 17.19
C PHE A 208 -1.24 -13.86 15.84
N TYR A 209 0.09 -13.83 15.87
CA TYR A 209 0.93 -14.08 14.70
C TYR A 209 2.38 -14.28 15.18
N PRO A 210 3.05 -15.34 14.70
CA PRO A 210 2.62 -16.39 13.77
C PRO A 210 1.49 -17.25 14.31
N ALA A 211 1.03 -18.19 13.50
CA ALA A 211 -0.11 -19.04 13.85
C ALA A 211 0.22 -20.09 14.91
N ASP A 212 1.50 -20.43 15.05
CA ASP A 212 1.96 -21.44 16.01
C ASP A 212 1.55 -21.01 17.42
N ILE A 213 0.79 -21.87 18.08
CA ILE A 213 0.26 -21.59 19.42
C ILE A 213 -0.14 -22.90 20.11
N THR A 214 -0.07 -22.92 21.43
CA THR A 214 -0.61 -24.02 22.21
C THR A 214 -1.56 -23.51 23.30
N LEU A 215 -2.71 -24.17 23.42
CA LEU A 215 -3.71 -23.86 24.46
C LEU A 215 -3.95 -25.12 25.27
N THR A 216 -3.94 -24.98 26.59
CA THR A 216 -4.12 -26.10 27.48
C THR A 216 -5.10 -25.73 28.57
N TRP A 217 -5.81 -26.72 29.09
CA TRP A 217 -6.64 -26.53 30.27
C TRP A 217 -6.05 -27.36 31.40
N GLN A 218 -6.01 -26.77 32.59
CA GLN A 218 -5.51 -27.48 33.77
C GLN A 218 -6.55 -27.55 34.88
N LEU A 219 -6.66 -28.72 35.49
CA LEU A 219 -7.35 -28.89 36.76
C LEU A 219 -6.28 -29.17 37.81
N ASN A 220 -6.14 -28.22 38.74
CA ASN A 220 -5.22 -28.35 39.87
C ASN A 220 -3.83 -28.92 39.49
N GLY A 221 -3.17 -28.23 38.56
CA GLY A 221 -1.81 -28.55 38.15
C GLY A 221 -1.70 -29.54 37.01
N GLU A 222 -2.76 -30.31 36.76
CA GLU A 222 -2.77 -31.38 35.77
C GLU A 222 -3.39 -30.92 34.44
N GLU A 223 -2.66 -31.13 33.33
CA GLU A 223 -3.16 -30.83 31.98
C GLU A 223 -4.21 -31.85 31.53
N LEU A 224 -5.36 -31.35 31.10
CA LEU A 224 -6.48 -32.19 30.71
C LEU A 224 -6.41 -32.60 29.22
N ILE A 225 -5.38 -33.38 28.89
CA ILE A 225 -5.09 -33.80 27.51
C ILE A 225 -5.90 -35.03 27.07
N GLN A 226 -7.22 -34.97 27.24
CA GLN A 226 -8.08 -36.10 26.93
C GLN A 226 -9.50 -35.65 26.57
N ASP A 227 -10.01 -34.68 27.31
CA ASP A 227 -11.40 -34.26 27.15
C ASP A 227 -11.58 -32.81 26.70
N MET A 228 -10.47 -32.23 26.26
CA MET A 228 -10.46 -30.87 25.77
C MET A 228 -10.85 -30.88 24.29
N GLU A 229 -11.82 -30.05 23.93
CA GLU A 229 -12.14 -29.81 22.52
C GLU A 229 -11.31 -28.63 22.02
N LEU A 230 -10.80 -28.72 20.80
CA LEU A 230 -10.04 -27.62 20.23
C LEU A 230 -10.26 -27.52 18.73
N VAL A 231 -10.22 -26.30 18.22
CA VAL A 231 -10.34 -26.08 16.79
C VAL A 231 -8.97 -25.89 16.16
N GLU A 232 -8.89 -26.21 14.88
CA GLU A 232 -7.67 -25.95 14.13
C GLU A 232 -7.47 -24.44 14.11
N THR A 233 -6.22 -24.01 14.23
CA THR A 233 -5.91 -22.59 14.14
C THR A 233 -6.40 -22.04 12.81
N ARG A 234 -7.02 -20.87 12.85
CA ARG A 234 -7.72 -20.33 11.69
C ARG A 234 -7.45 -18.83 11.51
N PRO A 235 -7.37 -18.36 10.24
CA PRO A 235 -7.11 -16.95 9.98
C PRO A 235 -8.31 -16.06 10.29
N ALA A 236 -8.06 -14.93 10.94
CA ALA A 236 -9.12 -13.95 11.17
C ALA A 236 -9.48 -13.22 9.86
N GLY A 237 -8.56 -13.27 8.89
CA GLY A 237 -8.72 -12.58 7.61
C GLY A 237 -7.95 -11.27 7.52
N ASP A 238 -7.31 -10.88 8.61
CA ASP A 238 -6.62 -9.59 8.71
C ASP A 238 -5.11 -9.74 8.96
N GLY A 239 -4.59 -10.94 8.68
CA GLY A 239 -3.19 -11.22 8.94
C GLY A 239 -2.94 -11.89 10.28
N THR A 240 -3.95 -11.89 11.15
CA THR A 240 -3.82 -12.54 12.46
C THR A 240 -4.65 -13.84 12.52
N PHE A 241 -4.45 -14.62 13.58
CA PHE A 241 -5.04 -15.93 13.70
C PHE A 241 -5.88 -16.08 14.97
N GLN A 242 -6.69 -17.14 15.01
CA GLN A 242 -7.59 -17.45 16.12
C GLN A 242 -7.49 -18.93 16.47
N LYS A 243 -7.68 -19.24 17.75
CA LYS A 243 -7.82 -20.62 18.19
C LYS A 243 -8.64 -20.62 19.48
N TRP A 244 -9.36 -21.70 19.72
CA TRP A 244 -9.93 -21.95 21.04
C TRP A 244 -9.82 -23.40 21.48
N ALA A 245 -9.90 -23.60 22.80
CA ALA A 245 -9.89 -24.91 23.43
C ALA A 245 -10.92 -24.84 24.54
N SER A 246 -11.76 -25.86 24.62
CA SER A 246 -12.86 -25.87 25.59
C SER A 246 -12.88 -27.15 26.42
N VAL A 247 -13.48 -27.06 27.60
CA VAL A 247 -13.59 -28.20 28.51
C VAL A 247 -14.98 -28.18 29.13
N VAL A 248 -15.54 -29.37 29.36
CA VAL A 248 -16.81 -29.49 30.10
C VAL A 248 -16.52 -29.76 31.58
N VAL A 249 -17.06 -28.91 32.44
CA VAL A 249 -16.75 -28.95 33.86
C VAL A 249 -18.05 -28.95 34.65
N PRO A 250 -18.00 -29.40 35.92
CA PRO A 250 -19.19 -29.36 36.77
C PRO A 250 -19.65 -27.94 37.05
N LEU A 251 -20.96 -27.74 37.06
CA LEU A 251 -21.54 -26.45 37.41
C LEU A 251 -21.07 -26.07 38.80
N GLY A 252 -20.58 -24.84 38.97
CA GLY A 252 -20.11 -24.39 40.27
C GLY A 252 -18.61 -24.62 40.50
N LYS A 253 -17.96 -25.38 39.62
CA LYS A 253 -16.53 -25.66 39.77
C LYS A 253 -15.65 -24.89 38.76
N GLU A 254 -16.23 -23.87 38.11
CA GLU A 254 -15.52 -23.08 37.09
C GLU A 254 -14.16 -22.51 37.53
N GLN A 255 -14.05 -22.15 38.81
CA GLN A 255 -12.81 -21.55 39.34
C GLN A 255 -11.71 -22.57 39.69
N TYR A 256 -11.99 -23.85 39.42
CA TYR A 256 -11.03 -24.91 39.69
C TYR A 256 -10.16 -25.17 38.47
N TYR A 257 -10.50 -24.52 37.35
CA TYR A 257 -9.84 -24.72 36.06
C TYR A 257 -9.11 -23.48 35.58
N THR A 258 -7.92 -23.67 34.97
CA THR A 258 -7.17 -22.56 34.40
C THR A 258 -6.75 -22.88 32.97
N CYS A 259 -6.81 -21.85 32.12
CA CYS A 259 -6.35 -21.98 30.75
C CYS A 259 -4.96 -21.39 30.67
N HIS A 260 -4.12 -22.03 29.87
CA HIS A 260 -2.77 -21.54 29.60
C HIS A 260 -2.55 -21.41 28.11
N VAL A 261 -1.93 -20.30 27.72
CA VAL A 261 -1.70 -20.00 26.31
C VAL A 261 -0.18 -19.90 26.10
N TYR A 262 0.35 -20.74 25.20
CA TYR A 262 1.79 -20.74 24.88
C TYR A 262 2.00 -20.24 23.45
N HIS A 263 2.88 -19.25 23.32
CA HIS A 263 3.16 -18.61 22.05
C HIS A 263 4.62 -18.16 22.09
N GLN A 264 5.21 -17.93 20.92
CA GLN A 264 6.57 -17.40 20.87
C GLN A 264 6.64 -15.92 21.26
N GLY A 265 5.52 -15.21 21.12
CA GLY A 265 5.45 -13.78 21.44
C GLY A 265 5.18 -13.52 22.91
N LEU A 266 4.99 -14.61 23.66
CA LEU A 266 4.76 -14.51 25.09
C LEU A 266 6.01 -14.89 25.85
N PRO A 267 6.59 -13.92 26.58
CA PRO A 267 7.70 -14.16 27.50
C PRO A 267 7.30 -15.23 28.52
N GLU A 268 6.13 -15.04 29.12
CA GLU A 268 5.56 -15.99 30.06
C GLU A 268 4.19 -16.37 29.51
N PRO A 269 3.88 -17.67 29.48
CA PRO A 269 2.58 -18.17 29.03
C PRO A 269 1.46 -17.51 29.82
N LEU A 270 0.31 -17.29 29.18
CA LEU A 270 -0.81 -16.64 29.84
C LEU A 270 -1.54 -17.65 30.73
N THR A 271 -2.04 -17.18 31.86
CA THR A 271 -2.89 -17.98 32.73
C THR A 271 -4.17 -17.21 32.95
N LEU A 272 -5.29 -17.86 32.77
CA LEU A 272 -6.58 -17.21 32.97
C LEU A 272 -7.68 -18.17 33.40
N ARG A 273 -8.73 -17.60 33.98
CA ARG A 273 -9.90 -18.34 34.44
C ARG A 273 -11.15 -17.61 34.01
N TRP A 274 -12.27 -18.33 34.01
CA TRP A 274 -13.58 -17.74 33.84
C TRP A 274 -13.81 -16.63 34.86
N GLU A 275 -14.15 -15.45 34.35
CA GLU A 275 -14.61 -14.34 35.17
C GLU A 275 -16.00 -13.97 34.67
N PRO A 276 -17.03 -14.13 35.53
CA PRO A 276 -18.36 -13.62 35.16
C PRO A 276 -18.35 -12.12 34.88
N PRO A 277 -19.24 -11.64 33.98
CA PRO A 277 -19.33 -10.23 33.60
C PRO A 277 -19.20 -9.23 34.76
N PRO A 278 -18.63 -8.03 34.47
CA PRO A 278 -18.42 -6.99 35.47
C PRO A 278 -19.67 -6.72 36.31
N SER A 279 -19.57 -6.59 37.54
N ILE B 1 -6.02 -40.53 -4.17
CA ILE B 1 -7.28 -40.34 -3.37
C ILE B 1 -7.69 -38.88 -3.24
N GLN B 2 -8.99 -38.63 -3.33
CA GLN B 2 -9.54 -37.29 -3.11
C GLN B 2 -9.74 -37.04 -1.62
N LYS B 3 -9.45 -35.81 -1.21
CA LYS B 3 -9.56 -35.42 0.18
C LYS B 3 -10.81 -34.58 0.40
N THR B 4 -11.54 -34.91 1.46
CA THR B 4 -12.78 -34.21 1.82
C THR B 4 -12.52 -32.92 2.61
N PRO B 5 -13.12 -31.80 2.14
CA PRO B 5 -12.87 -30.54 2.83
C PRO B 5 -13.28 -30.53 4.31
N GLN B 6 -12.50 -29.81 5.11
CA GLN B 6 -12.89 -29.48 6.48
C GLN B 6 -13.33 -28.03 6.48
N ILE B 7 -14.34 -27.70 7.28
CA ILE B 7 -14.98 -26.40 7.22
C ILE B 7 -15.13 -25.75 8.60
N GLN B 8 -14.74 -24.49 8.71
CA GLN B 8 -15.04 -23.70 9.91
C GLN B 8 -15.77 -22.45 9.48
N VAL B 9 -16.83 -22.11 10.20
CA VAL B 9 -17.54 -20.86 9.98
C VAL B 9 -17.47 -20.03 11.25
N TYR B 10 -17.03 -18.78 11.14
CA TYR B 10 -16.73 -17.97 12.31
C TYR B 10 -16.58 -16.52 11.94
N SER B 11 -16.75 -15.65 12.92
CA SER B 11 -16.59 -14.23 12.71
C SER B 11 -15.14 -13.79 12.94
N ARG B 12 -14.76 -12.69 12.30
CA ARG B 12 -13.44 -12.09 12.49
C ARG B 12 -13.28 -11.50 13.91
N HIS B 13 -14.31 -10.82 14.40
CA HIS B 13 -14.30 -10.29 15.75
C HIS B 13 -15.41 -10.97 16.55
N PRO B 14 -15.28 -11.02 17.91
CA PRO B 14 -16.39 -11.52 18.72
C PRO B 14 -17.69 -10.83 18.32
N PRO B 15 -18.76 -11.62 18.10
CA PRO B 15 -20.00 -11.03 17.60
C PRO B 15 -20.74 -10.20 18.65
N GLU B 16 -21.25 -9.07 18.23
CA GLU B 16 -22.09 -8.22 19.06
C GLU B 16 -23.27 -7.84 18.18
N ASN B 17 -24.48 -8.13 18.63
CA ASN B 17 -25.69 -7.84 17.85
C ASN B 17 -25.74 -6.37 17.45
N GLY B 18 -26.05 -6.12 16.19
CA GLY B 18 -26.11 -4.76 15.66
C GLY B 18 -24.79 -4.12 15.23
N LYS B 19 -23.67 -4.80 15.46
CA LYS B 19 -22.36 -4.27 15.07
C LYS B 19 -21.79 -4.95 13.82
N PRO B 20 -21.40 -4.14 12.80
CA PRO B 20 -20.74 -4.63 11.60
C PRO B 20 -19.53 -5.53 11.91
N ASN B 21 -19.50 -6.69 11.25
CA ASN B 21 -18.45 -7.68 11.44
C ASN B 21 -18.12 -8.32 10.09
N ILE B 22 -17.28 -9.34 10.10
CA ILE B 22 -17.00 -10.13 8.90
C ILE B 22 -17.21 -11.59 9.26
N LEU B 23 -17.94 -12.32 8.42
CA LEU B 23 -18.12 -13.75 8.60
C LEU B 23 -17.20 -14.51 7.67
N ASN B 24 -16.47 -15.47 8.23
CA ASN B 24 -15.49 -16.26 7.49
C ASN B 24 -15.99 -17.68 7.30
N CYS B 25 -15.61 -18.27 6.19
CA CYS B 25 -15.76 -19.70 5.97
C CYS B 25 -14.41 -20.22 5.50
N TYR B 26 -13.72 -20.91 6.40
CA TYR B 26 -12.38 -21.41 6.14
C TYR B 26 -12.49 -22.87 5.73
N VAL B 27 -12.02 -23.18 4.51
CA VAL B 27 -12.14 -24.54 3.96
C VAL B 27 -10.75 -25.07 3.66
N THR B 28 -10.45 -26.24 4.23
CA THR B 28 -9.12 -26.82 4.18
C THR B 28 -9.19 -28.28 3.81
N GLN B 29 -8.02 -28.87 3.56
CA GLN B 29 -7.86 -30.31 3.34
C GLN B 29 -8.63 -30.90 2.16
N PHE B 30 -8.83 -30.11 1.10
CA PHE B 30 -9.52 -30.64 -0.09
C PHE B 30 -8.59 -30.81 -1.31
N HIS B 31 -8.92 -31.81 -2.13
CA HIS B 31 -8.23 -32.09 -3.36
C HIS B 31 -9.22 -32.92 -4.20
N PRO B 32 -9.47 -32.55 -5.45
CA PRO B 32 -8.89 -31.52 -6.33
C PRO B 32 -9.19 -30.08 -5.90
N PRO B 33 -8.51 -29.09 -6.51
CA PRO B 33 -8.69 -27.70 -6.11
C PRO B 33 -10.05 -27.10 -6.47
N HIS B 34 -10.74 -27.67 -7.46
CA HIS B 34 -12.05 -27.15 -7.86
C HIS B 34 -13.01 -27.22 -6.68
N ILE B 35 -13.56 -26.08 -6.28
CA ILE B 35 -14.51 -26.02 -5.17
C ILE B 35 -15.52 -24.89 -5.32
N GLU B 36 -16.74 -25.12 -4.82
CA GLU B 36 -17.80 -24.13 -4.87
C GLU B 36 -18.26 -23.81 -3.46
N ILE B 37 -18.16 -22.53 -3.08
CA ILE B 37 -18.50 -22.09 -1.73
C ILE B 37 -19.58 -21.02 -1.80
N GLN B 38 -20.65 -21.22 -1.04
CA GLN B 38 -21.72 -20.24 -0.92
C GLN B 38 -21.87 -19.87 0.54
N MET B 39 -22.15 -18.60 0.81
CA MET B 39 -22.54 -18.22 2.15
C MET B 39 -24.02 -17.88 2.12
N LEU B 40 -24.73 -18.32 3.16
CA LEU B 40 -26.18 -18.27 3.21
C LEU B 40 -26.66 -17.49 4.43
N LYS B 41 -27.62 -16.60 4.22
CA LYS B 41 -28.30 -15.92 5.31
C LYS B 41 -29.75 -16.33 5.32
N ASN B 42 -30.18 -16.94 6.42
CA ASN B 42 -31.53 -17.46 6.57
C ASN B 42 -31.95 -18.33 5.38
N GLY B 43 -30.98 -19.11 4.89
CA GLY B 43 -31.22 -20.06 3.82
C GLY B 43 -31.09 -19.49 2.41
N LYS B 44 -30.84 -18.18 2.31
CA LYS B 44 -30.75 -17.50 1.01
C LYS B 44 -29.31 -17.13 0.70
N LYS B 45 -28.88 -17.40 -0.53
CA LYS B 45 -27.52 -17.06 -0.96
C LYS B 45 -27.18 -15.57 -0.77
N ILE B 46 -26.03 -15.33 -0.15
CA ILE B 46 -25.47 -13.98 0.04
C ILE B 46 -24.69 -13.60 -1.22
N PRO B 47 -24.98 -12.41 -1.80
CA PRO B 47 -24.42 -11.98 -3.08
C PRO B 47 -22.92 -11.67 -3.08
N LYS B 48 -22.49 -10.74 -2.22
CA LYS B 48 -21.06 -10.36 -2.21
C LYS B 48 -20.28 -11.21 -1.21
N VAL B 49 -19.65 -12.28 -1.72
CA VAL B 49 -18.77 -13.12 -0.93
C VAL B 49 -17.43 -13.14 -1.62
N GLU B 50 -16.40 -12.64 -0.95
CA GLU B 50 -15.06 -12.61 -1.50
C GLU B 50 -14.29 -13.87 -1.15
N MET B 51 -13.39 -14.27 -2.06
CA MET B 51 -12.59 -15.48 -1.88
C MET B 51 -11.12 -15.11 -1.89
N SER B 52 -10.36 -15.70 -0.99
CA SER B 52 -8.90 -15.60 -1.05
C SER B 52 -8.41 -16.39 -2.26
N ASP B 53 -7.18 -16.12 -2.67
CA ASP B 53 -6.54 -16.90 -3.73
C ASP B 53 -6.25 -18.27 -3.16
N MET B 54 -6.24 -19.28 -4.01
CA MET B 54 -6.05 -20.62 -3.48
C MET B 54 -4.58 -20.93 -3.25
N SER B 55 -4.33 -21.69 -2.20
CA SER B 55 -3.01 -22.08 -1.80
C SER B 55 -3.07 -23.55 -1.47
N PHE B 56 -1.91 -24.20 -1.38
CA PHE B 56 -1.86 -25.58 -0.90
C PHE B 56 -0.79 -25.78 0.16
N SER B 57 -0.95 -26.83 0.95
CA SER B 57 -0.08 -27.12 2.08
C SER B 57 0.90 -28.24 1.72
N LYS B 58 1.83 -28.55 2.63
CA LYS B 58 2.85 -29.55 2.34
C LYS B 58 2.29 -30.95 2.09
N ASP B 59 1.07 -31.21 2.56
CA ASP B 59 0.41 -32.49 2.27
C ASP B 59 -0.33 -32.48 0.92
N TRP B 60 -0.18 -31.40 0.16
CA TRP B 60 -0.73 -31.22 -1.22
C TRP B 60 -2.19 -30.71 -1.25
N SER B 61 -2.86 -30.72 -0.10
CA SER B 61 -4.25 -30.32 -0.05
C SER B 61 -4.39 -28.80 -0.08
N PHE B 62 -5.53 -28.34 -0.61
CA PHE B 62 -5.77 -26.92 -0.83
C PHE B 62 -6.55 -26.27 0.31
N TYR B 63 -6.43 -24.96 0.41
CA TYR B 63 -7.22 -24.21 1.37
C TYR B 63 -7.56 -22.84 0.82
N ILE B 64 -8.62 -22.26 1.35
CA ILE B 64 -9.15 -21.00 0.86
C ILE B 64 -10.02 -20.39 1.94
N LEU B 65 -10.09 -19.07 1.97
CA LEU B 65 -10.93 -18.40 2.94
C LEU B 65 -11.96 -17.59 2.17
N ALA B 66 -13.24 -17.88 2.43
CA ALA B 66 -14.34 -17.08 1.94
C ALA B 66 -14.77 -16.16 3.06
N HIS B 67 -15.21 -14.96 2.73
CA HIS B 67 -15.66 -13.99 3.72
C HIS B 67 -16.66 -13.00 3.14
N THR B 68 -17.55 -12.53 4.01
CA THR B 68 -18.56 -11.56 3.64
C THR B 68 -18.79 -10.63 4.82
N GLU B 69 -19.19 -9.39 4.53
CA GLU B 69 -19.56 -8.44 5.57
C GLU B 69 -20.93 -8.82 6.12
N PHE B 70 -21.11 -8.71 7.43
CA PHE B 70 -22.41 -8.99 8.05
C PHE B 70 -22.57 -8.29 9.38
N THR B 71 -23.82 -8.08 9.75
CA THR B 71 -24.17 -7.50 11.04
C THR B 71 -25.05 -8.52 11.73
N PRO B 72 -24.49 -9.22 12.73
CA PRO B 72 -25.26 -10.28 13.38
C PRO B 72 -26.45 -9.70 14.15
N THR B 73 -27.50 -10.48 14.29
CA THR B 73 -28.63 -10.14 15.16
C THR B 73 -28.93 -11.36 15.98
N GLU B 74 -29.89 -11.23 16.90
CA GLU B 74 -30.24 -12.33 17.78
C GLU B 74 -30.74 -13.55 17.00
N THR B 75 -31.55 -13.31 15.96
CA THR B 75 -32.31 -14.38 15.30
C THR B 75 -31.83 -14.80 13.89
N ASP B 76 -31.05 -13.95 13.21
CA ASP B 76 -30.52 -14.29 11.87
C ASP B 76 -29.58 -15.48 11.91
N THR B 77 -29.77 -16.37 10.96
CA THR B 77 -29.01 -17.60 10.82
C THR B 77 -28.04 -17.47 9.64
N TYR B 78 -26.78 -17.87 9.84
CA TYR B 78 -25.78 -17.85 8.77
C TYR B 78 -25.18 -19.24 8.61
N ALA B 79 -24.81 -19.56 7.37
CA ALA B 79 -24.20 -20.83 7.06
C ALA B 79 -23.26 -20.70 5.88
N CYS B 80 -22.41 -21.71 5.72
CA CYS B 80 -21.53 -21.85 4.58
C CYS B 80 -21.82 -23.21 3.96
N ARG B 81 -22.08 -23.21 2.65
CA ARG B 81 -22.33 -24.43 1.92
C ARG B 81 -21.23 -24.69 0.91
N VAL B 82 -20.67 -25.88 0.99
CA VAL B 82 -19.49 -26.22 0.19
C VAL B 82 -19.82 -27.42 -0.70
N LYS B 83 -19.55 -27.28 -1.99
CA LYS B 83 -19.70 -28.35 -2.96
C LYS B 83 -18.34 -28.77 -3.48
N HIS B 84 -18.02 -30.05 -3.33
CA HIS B 84 -16.73 -30.60 -3.73
C HIS B 84 -16.90 -32.05 -4.16
N ASP B 85 -16.12 -32.45 -5.17
CA ASP B 85 -16.21 -33.78 -5.79
C ASP B 85 -15.95 -34.96 -4.85
N SER B 86 -15.28 -34.68 -3.72
CA SER B 86 -15.02 -35.69 -2.70
C SER B 86 -16.28 -36.07 -1.92
N MET B 87 -17.32 -35.25 -2.06
CA MET B 87 -18.57 -35.45 -1.32
C MET B 87 -19.73 -35.72 -2.27
N ALA B 88 -20.58 -36.67 -1.88
CA ALA B 88 -21.76 -37.04 -2.65
C ALA B 88 -22.79 -35.90 -2.77
N GLU B 89 -22.87 -35.07 -1.74
CA GLU B 89 -23.75 -33.88 -1.77
C GLU B 89 -23.09 -32.67 -1.09
N PRO B 90 -23.60 -31.45 -1.36
CA PRO B 90 -23.06 -30.22 -0.73
C PRO B 90 -23.18 -30.21 0.79
N LYS B 91 -22.11 -29.80 1.47
CA LYS B 91 -22.09 -29.78 2.93
C LYS B 91 -22.37 -28.38 3.47
N THR B 92 -23.37 -28.28 4.35
CA THR B 92 -23.74 -27.01 4.98
C THR B 92 -23.38 -26.96 6.46
N VAL B 93 -22.54 -25.99 6.81
CA VAL B 93 -22.07 -25.78 8.17
C VAL B 93 -22.63 -24.46 8.68
N TYR B 94 -23.34 -24.52 9.81
CA TYR B 94 -23.97 -23.33 10.40
C TYR B 94 -23.03 -22.57 11.32
N TRP B 95 -23.14 -21.24 11.30
CA TRP B 95 -22.38 -20.40 12.19
C TRP B 95 -22.92 -20.57 13.60
N ASP B 96 -22.02 -20.84 14.54
CA ASP B 96 -22.38 -20.90 15.96
C ASP B 96 -21.58 -19.78 16.58
N ARG B 97 -22.28 -18.75 17.06
CA ARG B 97 -21.62 -17.57 17.60
C ARG B 97 -20.77 -17.87 18.84
N ASP B 98 -20.87 -19.08 19.38
CA ASP B 98 -20.06 -19.50 20.52
C ASP B 98 -18.78 -20.24 20.11
N MET B 99 -18.60 -20.40 18.80
CA MET B 99 -17.47 -21.16 18.29
C MET B 99 -16.70 -20.38 17.23
N ILE C 1 14.13 -16.24 -6.52
CA ILE C 1 13.66 -16.67 -7.88
C ILE C 1 13.53 -18.18 -7.95
N ASN C 2 12.61 -18.64 -8.78
CA ASN C 2 12.29 -20.06 -8.86
C ASN C 2 13.29 -20.80 -9.76
N PHE C 3 13.13 -22.12 -9.83
CA PHE C 3 13.89 -22.98 -10.73
C PHE C 3 13.19 -23.07 -12.07
N ASP C 4 13.96 -23.30 -13.14
CA ASP C 4 13.42 -23.63 -14.45
C ASP C 4 13.21 -25.12 -14.49
N PHE C 5 11.95 -25.55 -14.38
CA PHE C 5 11.65 -26.98 -14.28
C PHE C 5 11.95 -27.73 -15.58
N ASN C 6 12.41 -28.97 -15.43
CA ASN C 6 12.45 -29.93 -16.53
C ASN C 6 11.07 -30.56 -16.68
N THR C 7 10.87 -31.34 -17.74
CA THR C 7 9.62 -32.08 -17.89
C THR C 7 9.79 -33.48 -17.32
N ILE C 8 8.69 -34.06 -16.83
CA ILE C 8 8.74 -35.41 -16.27
C ILE C 8 8.78 -36.50 -17.35
N GLY D 1 22.70 26.64 6.61
CA GLY D 1 21.81 25.53 6.13
C GLY D 1 22.04 25.16 4.67
N PRO D 2 21.36 24.10 4.19
CA PRO D 2 21.47 23.69 2.79
C PRO D 2 20.51 24.47 1.87
N HIS D 3 20.81 24.46 0.57
CA HIS D 3 20.04 25.21 -0.42
C HIS D 3 19.81 24.36 -1.68
N SER D 4 18.83 24.75 -2.49
CA SER D 4 18.49 24.00 -3.70
C SER D 4 17.99 24.87 -4.85
N LEU D 5 18.37 24.49 -6.07
CA LEU D 5 17.76 24.99 -7.30
C LEU D 5 17.04 23.82 -7.97
N ARG D 6 15.75 23.99 -8.20
CA ARG D 6 14.89 22.93 -8.72
C ARG D 6 13.97 23.50 -9.81
N TYR D 7 13.85 22.77 -10.92
CA TYR D 7 12.88 23.07 -11.98
C TYR D 7 11.86 21.96 -12.06
N PHE D 8 10.58 22.36 -12.03
CA PHE D 8 9.45 21.46 -12.08
C PHE D 8 8.78 21.73 -13.42
N VAL D 9 8.83 20.76 -14.32
CA VAL D 9 8.36 20.96 -15.69
C VAL D 9 7.23 19.99 -15.99
N THR D 10 6.19 20.50 -16.64
CA THR D 10 5.03 19.68 -17.02
C THR D 10 4.64 19.91 -18.48
N ALA D 11 4.37 18.83 -19.22
CA ALA D 11 3.61 18.97 -20.45
C ALA D 11 2.39 18.09 -20.40
N VAL D 12 1.27 18.63 -20.90
CA VAL D 12 0.02 17.91 -20.90
C VAL D 12 -0.59 17.93 -22.30
N SER D 13 -0.72 16.76 -22.90
CA SER D 13 -1.33 16.67 -24.22
C SER D 13 -2.82 16.97 -24.13
N ARG D 14 -3.33 17.60 -25.17
CA ARG D 14 -4.72 18.01 -25.27
C ARG D 14 -5.23 17.69 -26.67
N PRO D 15 -5.19 16.40 -27.09
CA PRO D 15 -5.49 16.14 -28.50
C PRO D 15 -6.86 16.66 -28.89
N GLY D 16 -6.93 17.34 -30.04
CA GLY D 16 -8.16 17.97 -30.51
C GLY D 16 -8.52 19.27 -29.78
N LEU D 17 -7.67 19.70 -28.85
CA LEU D 17 -7.88 20.95 -28.11
C LEU D 17 -6.66 21.88 -28.14
N GLY D 18 -5.83 21.73 -29.16
CA GLY D 18 -4.62 22.54 -29.32
C GLY D 18 -3.35 21.80 -28.99
N GLU D 19 -2.25 22.53 -28.97
CA GLU D 19 -0.93 21.96 -28.69
C GLU D 19 -0.84 21.57 -27.21
N PRO D 20 0.08 20.64 -26.88
CA PRO D 20 0.26 20.33 -25.47
C PRO D 20 0.53 21.58 -24.62
N ARG D 21 -0.01 21.61 -23.42
CA ARG D 21 0.23 22.72 -22.50
C ARG D 21 1.57 22.46 -21.80
N PHE D 22 2.49 23.42 -21.86
CA PHE D 22 3.83 23.27 -21.31
C PHE D 22 4.07 24.34 -20.25
N ILE D 23 4.41 23.88 -19.03
CA ILE D 23 4.70 24.79 -17.92
C ILE D 23 6.04 24.41 -17.28
N SER D 24 6.90 25.40 -17.11
CA SER D 24 8.20 25.20 -16.50
C SER D 24 8.31 26.17 -15.34
N VAL D 25 8.59 25.64 -14.14
CA VAL D 25 8.65 26.48 -12.96
C VAL D 25 9.98 26.24 -12.26
N GLY D 26 10.63 27.33 -11.85
CA GLY D 26 11.88 27.24 -11.10
C GLY D 26 11.70 27.63 -9.65
N TYR D 27 12.43 26.93 -8.77
CA TYR D 27 12.39 27.19 -7.33
C TYR D 27 13.81 27.35 -6.79
N VAL D 28 14.00 28.38 -5.96
CA VAL D 28 15.20 28.51 -5.13
C VAL D 28 14.74 28.29 -3.70
N ASP D 29 15.30 27.27 -3.04
CA ASP D 29 14.89 26.87 -1.68
C ASP D 29 13.38 26.70 -1.55
N ASN D 30 12.79 25.97 -2.49
CA ASN D 30 11.35 25.67 -2.49
C ASN D 30 10.44 26.88 -2.74
N THR D 31 11.03 28.00 -3.15
CA THR D 31 10.29 29.22 -3.43
C THR D 31 10.32 29.51 -4.93
N GLU D 32 9.13 29.65 -5.53
CA GLU D 32 9.03 29.96 -6.95
C GLU D 32 9.68 31.31 -7.29
N PHE D 33 10.57 31.29 -8.28
CA PHE D 33 11.33 32.49 -8.67
C PHE D 33 11.25 32.79 -10.17
N VAL D 34 10.89 31.77 -10.97
CA VAL D 34 10.63 31.94 -12.41
C VAL D 34 9.52 30.99 -12.90
N ARG D 35 8.80 31.41 -13.94
CA ARG D 35 7.79 30.56 -14.58
C ARG D 35 7.63 30.85 -16.07
N PHE D 36 7.44 29.78 -16.83
CA PHE D 36 7.09 29.85 -18.24
C PHE D 36 5.81 29.05 -18.43
N ASP D 37 4.84 29.62 -19.15
CA ASP D 37 3.59 28.93 -19.46
C ASP D 37 3.25 29.12 -20.94
N SER D 38 3.22 28.02 -21.68
CA SER D 38 2.96 28.04 -23.12
C SER D 38 1.61 28.61 -23.54
N ASP D 39 0.67 28.71 -22.59
CA ASP D 39 -0.67 29.25 -22.85
C ASP D 39 -0.77 30.78 -22.76
N ALA D 40 0.31 31.43 -22.33
CA ALA D 40 0.45 32.87 -22.46
C ALA D 40 0.47 33.25 -23.95
N GLU D 41 0.14 34.51 -24.24
CA GLU D 41 -0.08 34.97 -25.62
C GLU D 41 1.20 34.95 -26.48
N ASN D 42 2.24 35.63 -25.99
CA ASN D 42 3.61 35.51 -26.53
C ASN D 42 4.50 34.96 -25.42
N PRO D 43 4.51 33.62 -25.24
CA PRO D 43 5.05 32.99 -24.02
C PRO D 43 6.52 33.31 -23.75
N ARG D 44 6.79 33.86 -22.57
CA ARG D 44 8.13 34.24 -22.15
C ARG D 44 8.40 33.68 -20.76
N TYR D 45 9.66 33.37 -20.49
CA TYR D 45 10.06 33.05 -19.12
C TYR D 45 9.99 34.36 -18.31
N GLU D 46 9.28 34.32 -17.19
CA GLU D 46 9.00 35.53 -16.42
C GLU D 46 9.52 35.42 -15.00
N PRO D 47 9.92 36.55 -14.40
CA PRO D 47 10.32 36.53 -12.99
C PRO D 47 9.09 36.35 -12.11
N ARG D 48 9.24 35.60 -11.02
CA ARG D 48 8.15 35.37 -10.07
C ARG D 48 8.56 35.79 -8.67
N ALA D 49 9.75 36.37 -8.58
CA ALA D 49 10.24 37.03 -7.38
C ALA D 49 10.85 38.35 -7.81
N ARG D 50 10.64 39.39 -7.01
CA ARG D 50 11.11 40.73 -7.39
C ARG D 50 12.63 40.85 -7.54
N TRP D 51 13.39 40.12 -6.72
CA TRP D 51 14.85 40.10 -6.84
C TRP D 51 15.37 39.53 -8.17
N MET D 52 14.54 38.76 -8.87
CA MET D 52 14.90 38.25 -10.21
C MET D 52 14.85 39.31 -11.31
N GLU D 53 14.25 40.46 -11.04
CA GLU D 53 14.14 41.53 -12.03
C GLU D 53 15.47 42.24 -12.30
N GLN D 54 16.47 41.96 -11.49
CA GLN D 54 17.81 42.50 -11.73
C GLN D 54 18.63 41.68 -12.75
N GLU D 55 18.06 40.57 -13.23
CA GLU D 55 18.61 39.88 -14.41
C GLU D 55 18.14 40.64 -15.64
N GLY D 56 19.07 40.93 -16.54
CA GLY D 56 18.79 41.74 -17.73
C GLY D 56 18.01 41.02 -18.81
N PRO D 57 17.62 41.76 -19.89
CA PRO D 57 16.81 41.25 -20.99
C PRO D 57 17.43 40.05 -21.74
N GLU D 58 18.75 39.90 -21.66
CA GLU D 58 19.41 38.79 -22.33
C GLU D 58 19.25 37.47 -21.58
N TYR D 59 19.11 37.56 -20.26
CA TYR D 59 18.76 36.40 -19.45
C TYR D 59 17.41 35.87 -19.89
N TRP D 60 16.42 36.76 -19.91
CA TRP D 60 15.03 36.41 -20.22
C TRP D 60 14.84 35.88 -21.63
N GLU D 61 15.54 36.50 -22.59
CA GLU D 61 15.51 36.01 -23.97
C GLU D 61 16.09 34.59 -24.09
N ARG D 62 17.25 34.37 -23.47
CA ARG D 62 17.95 33.08 -23.48
C ARG D 62 17.14 31.95 -22.83
N GLU D 63 16.52 32.23 -21.68
CA GLU D 63 15.79 31.19 -20.96
C GLU D 63 14.40 30.96 -21.56
N THR D 64 13.84 31.98 -22.20
CA THR D 64 12.62 31.82 -23.00
C THR D 64 12.88 30.86 -24.15
N GLN D 65 13.99 31.07 -24.85
CA GLN D 65 14.35 30.20 -25.96
C GLN D 65 14.65 28.78 -25.50
N LYS D 66 15.29 28.64 -24.34
CA LYS D 66 15.54 27.31 -23.76
C LYS D 66 14.20 26.58 -23.46
N ALA D 67 13.25 27.32 -22.89
CA ALA D 67 11.94 26.76 -22.53
C ALA D 67 11.16 26.34 -23.78
N LYS D 68 11.27 27.14 -24.83
CA LYS D 68 10.62 26.79 -26.11
C LYS D 68 11.21 25.52 -26.71
N GLY D 69 12.53 25.37 -26.62
CA GLY D 69 13.19 24.13 -27.03
C GLY D 69 12.80 22.96 -26.14
N ASN D 70 12.70 23.21 -24.84
CA ASN D 70 12.24 22.16 -23.90
C ASN D 70 10.79 21.76 -24.17
N GLU D 71 9.96 22.73 -24.52
CA GLU D 71 8.58 22.48 -24.91
C GLU D 71 8.50 21.50 -26.08
N GLN D 72 9.36 21.71 -27.08
CA GLN D 72 9.44 20.83 -28.24
C GLN D 72 9.91 19.41 -27.84
N SER D 73 10.93 19.33 -26.99
CA SER D 73 11.37 18.03 -26.48
C SER D 73 10.22 17.29 -25.78
N PHE D 74 9.49 18.00 -24.94
CA PHE D 74 8.36 17.41 -24.21
C PHE D 74 7.22 16.97 -25.13
N ARG D 75 6.93 17.78 -26.16
CA ARG D 75 5.96 17.42 -27.16
C ARG D 75 6.33 16.10 -27.83
N VAL D 76 7.61 15.96 -28.20
CA VAL D 76 8.12 14.70 -28.80
C VAL D 76 8.03 13.52 -27.82
N ASP D 77 8.40 13.77 -26.54
CA ASP D 77 8.31 12.74 -25.48
C ASP D 77 6.91 12.18 -25.38
N LEU D 78 5.91 13.06 -25.36
CA LEU D 78 4.52 12.63 -25.31
C LEU D 78 4.12 11.73 -26.48
N ARG D 79 4.58 12.07 -27.69
CA ARG D 79 4.32 11.24 -28.88
C ARG D 79 4.99 9.88 -28.75
N THR D 80 6.26 9.90 -28.35
CA THR D 80 7.06 8.70 -28.15
C THR D 80 6.44 7.74 -27.13
N LEU D 81 5.99 8.28 -25.99
CA LEU D 81 5.37 7.49 -24.92
C LEU D 81 4.06 6.79 -25.34
N LEU D 82 3.27 7.43 -26.19
CA LEU D 82 2.10 6.77 -26.78
C LEU D 82 2.48 5.47 -27.48
N GLY D 83 3.61 5.48 -28.18
CA GLY D 83 4.17 4.29 -28.79
C GLY D 83 4.62 3.27 -27.77
N TYR D 84 5.43 3.72 -26.81
CA TYR D 84 5.98 2.85 -25.76
C TYR D 84 4.91 2.16 -24.90
N TYR D 85 3.77 2.84 -24.70
CA TYR D 85 2.68 2.28 -23.89
C TYR D 85 1.48 1.81 -24.70
N ASN D 86 1.61 1.78 -26.02
CA ASN D 86 0.52 1.37 -26.92
C ASN D 86 -0.80 2.06 -26.57
N GLN D 87 -0.79 3.39 -26.54
CA GLN D 87 -1.96 4.16 -26.16
C GLN D 87 -2.51 4.92 -27.38
N SER D 88 -3.78 5.30 -27.32
CA SER D 88 -4.39 6.01 -28.45
C SER D 88 -3.98 7.49 -28.46
N LYS D 89 -3.97 8.08 -29.65
CA LYS D 89 -3.63 9.49 -29.81
C LYS D 89 -4.75 10.42 -29.34
N GLY D 90 -5.90 9.84 -28.97
CA GLY D 90 -7.06 10.60 -28.53
C GLY D 90 -7.08 11.03 -27.08
N GLY D 91 -6.26 10.38 -26.24
CA GLY D 91 -6.25 10.64 -24.82
C GLY D 91 -5.28 11.71 -24.37
N SER D 92 -5.59 12.33 -23.23
CA SER D 92 -4.71 13.31 -22.59
C SER D 92 -3.72 12.61 -21.67
N HIS D 93 -2.44 12.98 -21.79
CA HIS D 93 -1.39 12.41 -20.96
C HIS D 93 -0.46 13.49 -20.41
N THR D 94 0.25 13.19 -19.32
CA THR D 94 1.13 14.17 -18.69
C THR D 94 2.53 13.61 -18.53
N ILE D 95 3.53 14.45 -18.77
CA ILE D 95 4.90 14.10 -18.45
C ILE D 95 5.39 15.18 -17.51
N GLN D 96 6.09 14.78 -16.46
CA GLN D 96 6.60 15.75 -15.47
C GLN D 96 8.06 15.44 -15.21
N VAL D 97 8.85 16.49 -14.98
CA VAL D 97 10.25 16.32 -14.57
C VAL D 97 10.52 17.19 -13.36
N ILE D 98 11.24 16.64 -12.38
CA ILE D 98 11.90 17.44 -11.37
C ILE D 98 13.41 17.32 -11.61
N SER D 99 14.07 18.46 -11.77
CA SER D 99 15.49 18.49 -12.09
C SER D 99 16.17 19.53 -11.23
N GLY D 100 17.38 19.24 -10.75
CA GLY D 100 18.13 20.25 -10.03
C GLY D 100 19.21 19.76 -9.09
N CYS D 101 19.65 20.68 -8.24
CA CYS D 101 20.82 20.46 -7.39
C CYS D 101 20.59 21.00 -5.98
N GLU D 102 21.32 20.44 -5.03
CA GLU D 102 21.35 20.98 -3.67
C GLU D 102 22.77 21.18 -3.19
N VAL D 103 23.01 22.30 -2.52
CA VAL D 103 24.34 22.66 -1.99
C VAL D 103 24.28 22.96 -0.50
N GLY D 104 25.43 22.87 0.18
CA GLY D 104 25.50 23.19 1.59
C GLY D 104 25.77 24.66 1.84
N SER D 105 26.05 25.00 3.09
CA SER D 105 26.34 26.37 3.51
C SER D 105 27.65 26.91 2.91
N ASP D 106 28.47 26.00 2.40
CA ASP D 106 29.77 26.33 1.83
C ASP D 106 29.73 26.41 0.31
N GLY D 107 28.54 26.27 -0.27
CA GLY D 107 28.36 26.35 -1.72
C GLY D 107 28.59 25.06 -2.50
N ARG D 108 29.07 24.03 -1.81
CA ARG D 108 29.41 22.76 -2.46
C ARG D 108 28.19 21.88 -2.70
N LEU D 109 28.20 21.21 -3.85
CA LEU D 109 27.15 20.28 -4.24
C LEU D 109 26.98 19.19 -3.18
N LEU D 110 25.74 18.95 -2.78
CA LEU D 110 25.41 17.84 -1.89
C LEU D 110 24.76 16.69 -2.66
N ARG D 111 23.88 17.03 -3.59
CA ARG D 111 23.15 16.06 -4.40
C ARG D 111 22.57 16.71 -5.66
N GLY D 112 22.65 15.99 -6.77
CA GLY D 112 22.01 16.39 -8.01
C GLY D 112 20.98 15.32 -8.36
N TYR D 113 19.95 15.71 -9.09
CA TYR D 113 18.87 14.77 -9.42
C TYR D 113 18.07 15.20 -10.65
N GLN D 114 17.47 14.21 -11.30
CA GLN D 114 16.53 14.44 -12.39
C GLN D 114 15.64 13.22 -12.52
N GLN D 115 14.35 13.44 -12.30
CA GLN D 115 13.38 12.37 -12.37
C GLN D 115 12.23 12.71 -13.31
N TYR D 116 11.74 11.70 -14.00
CA TYR D 116 10.62 11.84 -14.93
C TYR D 116 9.45 11.07 -14.36
N ALA D 117 8.25 11.53 -14.67
CA ALA D 117 7.05 10.76 -14.40
C ALA D 117 6.16 10.86 -15.61
N TYR D 118 5.50 9.76 -15.95
CA TYR D 118 4.48 9.74 -16.97
C TYR D 118 3.14 9.40 -16.33
N ASP D 119 2.15 10.25 -16.60
CA ASP D 119 0.81 10.14 -16.01
C ASP D 119 0.83 9.94 -14.49
N GLY D 120 1.70 10.67 -13.80
CA GLY D 120 1.77 10.65 -12.35
C GLY D 120 2.56 9.51 -11.71
N CYS D 121 3.14 8.64 -12.52
CA CYS D 121 3.93 7.52 -12.01
C CYS D 121 5.38 7.62 -12.47
N ASP D 122 6.30 7.31 -11.56
CA ASP D 122 7.73 7.33 -11.87
C ASP D 122 8.03 6.62 -13.19
N TYR D 123 8.85 7.26 -14.00
CA TYR D 123 9.26 6.72 -15.28
C TYR D 123 10.75 6.36 -15.24
N ILE D 124 11.60 7.36 -15.05
CA ILE D 124 13.06 7.18 -14.99
C ILE D 124 13.67 8.26 -14.09
N ALA D 125 14.81 7.95 -13.46
CA ALA D 125 15.49 8.87 -12.56
C ALA D 125 16.99 8.65 -12.64
N LEU D 126 17.74 9.73 -12.50
CA LEU D 126 19.19 9.67 -12.44
C LEU D 126 19.61 9.22 -11.05
N ASN D 127 20.52 8.25 -10.98
CA ASN D 127 21.00 7.74 -9.71
C ASN D 127 21.92 8.75 -9.02
N GLU D 128 22.12 8.56 -7.72
CA GLU D 128 22.97 9.45 -6.91
C GLU D 128 24.39 9.60 -7.47
N ASP D 129 24.87 8.58 -8.16
CA ASP D 129 26.21 8.58 -8.76
C ASP D 129 26.33 9.56 -9.93
N LEU D 130 25.18 10.05 -10.41
CA LEU D 130 25.07 10.94 -11.57
C LEU D 130 25.62 10.30 -12.85
N LYS D 131 25.61 8.97 -12.90
CA LYS D 131 26.22 8.24 -14.02
C LYS D 131 25.26 7.24 -14.64
N THR D 132 24.38 6.68 -13.83
CA THR D 132 23.45 5.65 -14.29
C THR D 132 21.99 6.04 -14.04
N TRP D 133 21.09 5.28 -14.66
CA TRP D 133 19.65 5.52 -14.59
C TRP D 133 18.92 4.34 -13.98
N THR D 134 17.82 4.63 -13.29
CA THR D 134 16.90 3.60 -12.85
C THR D 134 15.56 3.73 -13.58
N ALA D 135 15.20 2.68 -14.31
CA ALA D 135 13.94 2.60 -15.04
C ALA D 135 12.87 2.02 -14.14
N ALA D 136 11.68 2.60 -14.14
CA ALA D 136 10.61 2.14 -13.25
C ALA D 136 9.71 1.07 -13.89
N ASP D 137 9.77 0.97 -15.22
CA ASP D 137 9.02 -0.03 -15.95
C ASP D 137 9.71 -0.36 -17.28
N MET D 138 9.11 -1.26 -18.05
CA MET D 138 9.69 -1.76 -19.30
C MET D 138 9.95 -0.66 -20.34
N ALA D 139 8.98 0.24 -20.50
CA ALA D 139 9.11 1.34 -21.46
C ALA D 139 10.34 2.19 -21.15
N ALA D 140 10.55 2.50 -19.88
CA ALA D 140 11.68 3.32 -19.44
C ALA D 140 13.04 2.67 -19.68
N LEU D 141 13.07 1.35 -19.85
CA LEU D 141 14.29 0.63 -20.23
C LEU D 141 14.78 1.04 -21.61
N ILE D 142 13.83 1.23 -22.53
CA ILE D 142 14.13 1.74 -23.88
C ILE D 142 14.84 3.11 -23.78
N THR D 143 14.27 4.01 -22.98
CA THR D 143 14.89 5.30 -22.68
C THR D 143 16.27 5.14 -22.01
N LYS D 144 16.36 4.28 -21.00
CA LYS D 144 17.63 4.02 -20.29
C LYS D 144 18.77 3.63 -21.25
N HIS D 145 18.52 2.68 -22.15
CA HIS D 145 19.52 2.23 -23.13
C HIS D 145 19.86 3.32 -24.16
N LYS D 146 18.87 4.08 -24.58
CA LYS D 146 19.06 5.23 -25.48
C LYS D 146 20.01 6.26 -24.87
N TRP D 147 19.73 6.67 -23.63
CA TRP D 147 20.55 7.66 -22.94
C TRP D 147 21.93 7.14 -22.52
N GLU D 148 22.05 5.82 -22.39
CA GLU D 148 23.35 5.17 -22.13
C GLU D 148 24.23 5.20 -23.38
N GLN D 149 23.62 5.02 -24.55
CA GLN D 149 24.34 4.98 -25.82
C GLN D 149 24.59 6.38 -26.41
N ALA D 150 24.18 7.42 -25.68
CA ALA D 150 24.27 8.79 -26.19
C ALA D 150 25.12 9.70 -25.31
N GLY D 151 25.58 9.19 -24.18
CA GLY D 151 26.35 9.97 -23.22
C GLY D 151 25.54 11.09 -22.59
N GLU D 152 24.23 10.86 -22.48
CA GLU D 152 23.29 11.83 -21.92
C GLU D 152 23.58 12.08 -20.43
N ALA D 153 23.88 11.01 -19.71
CA ALA D 153 24.20 11.09 -18.29
C ALA D 153 25.43 11.97 -18.01
N GLU D 154 26.36 11.99 -18.96
CA GLU D 154 27.56 12.83 -18.84
C GLU D 154 27.27 14.33 -19.00
N ARG D 155 26.50 14.71 -20.01
CA ARG D 155 26.17 16.12 -20.21
C ARG D 155 25.26 16.69 -19.09
N LEU D 156 24.42 15.83 -18.53
CA LEU D 156 23.57 16.21 -17.40
C LEU D 156 24.42 16.39 -16.16
N ARG D 157 25.35 15.46 -15.94
CA ARG D 157 26.29 15.56 -14.84
C ARG D 157 27.02 16.91 -14.85
N ALA D 158 27.48 17.34 -16.02
CA ALA D 158 28.18 18.62 -16.17
C ALA D 158 27.29 19.81 -15.80
N TYR D 159 26.02 19.75 -16.21
CA TYR D 159 25.03 20.76 -15.83
C TYR D 159 24.86 20.81 -14.31
N LEU D 160 24.60 19.65 -13.70
CA LEU D 160 24.27 19.56 -12.28
C LEU D 160 25.43 19.97 -11.37
N GLU D 161 26.63 19.53 -11.72
CA GLU D 161 27.83 19.84 -10.93
C GLU D 161 28.37 21.24 -11.24
N GLY D 162 28.10 21.73 -12.46
CA GLY D 162 28.63 23.01 -12.91
C GLY D 162 27.60 24.13 -12.89
N THR D 163 26.90 24.30 -14.00
CA THR D 163 25.97 25.43 -14.20
C THR D 163 24.84 25.52 -13.15
N CYS D 164 24.34 24.38 -12.69
CA CYS D 164 23.29 24.38 -11.66
C CYS D 164 23.81 24.99 -10.35
N VAL D 165 24.95 24.49 -9.87
CA VAL D 165 25.61 25.01 -8.67
C VAL D 165 25.96 26.50 -8.81
N GLU D 166 26.56 26.86 -9.95
CA GLU D 166 26.98 28.23 -10.23
C GLU D 166 25.83 29.21 -10.21
N TRP D 167 24.73 28.83 -10.86
CA TRP D 167 23.54 29.68 -10.93
C TRP D 167 22.80 29.78 -9.60
N LEU D 168 22.74 28.67 -8.86
CA LEU D 168 22.16 28.69 -7.50
C LEU D 168 22.90 29.65 -6.58
N ARG D 169 24.23 29.63 -6.67
CA ARG D 169 25.07 30.55 -5.92
C ARG D 169 24.65 31.99 -6.21
N ARG D 170 24.53 32.32 -7.49
CA ARG D 170 24.10 33.65 -7.93
C ARG D 170 22.70 34.02 -7.44
N TYR D 171 21.74 33.11 -7.62
CA TYR D 171 20.38 33.35 -7.14
C TYR D 171 20.31 33.55 -5.62
N LEU D 172 21.07 32.77 -4.86
CA LEU D 172 21.09 32.91 -3.40
C LEU D 172 21.67 34.26 -3.01
N LYS D 173 22.65 34.73 -3.76
CA LYS D 173 23.24 36.05 -3.54
C LYS D 173 22.21 37.17 -3.74
N ASN D 174 21.46 37.10 -4.82
CA ASN D 174 20.44 38.11 -5.15
C ASN D 174 19.13 37.94 -4.36
N GLY D 175 18.85 36.71 -3.92
CA GLY D 175 17.60 36.42 -3.21
C GLY D 175 17.69 36.28 -1.71
N ASN D 176 18.92 36.23 -1.20
CA ASN D 176 19.21 36.03 0.24
C ASN D 176 18.26 36.77 1.19
N ALA D 177 18.22 38.09 1.05
CA ALA D 177 17.43 38.95 1.91
C ALA D 177 15.95 38.58 1.90
N THR D 178 15.39 38.37 0.71
CA THR D 178 13.98 38.01 0.57
C THR D 178 13.71 36.60 1.10
N LEU D 179 14.61 35.68 0.79
CA LEU D 179 14.47 34.26 1.15
C LEU D 179 14.55 34.00 2.65
N LEU D 180 15.25 34.90 3.37
CA LEU D 180 15.41 34.81 4.82
C LEU D 180 14.18 35.24 5.60
N ARG D 181 13.23 35.87 4.90
CA ARG D 181 12.04 36.42 5.56
C ARG D 181 11.26 35.38 6.34
N THR D 182 10.90 35.73 7.57
CA THR D 182 10.02 34.90 8.37
C THR D 182 8.91 35.74 8.98
N ASP D 183 7.72 35.17 9.04
CA ASP D 183 6.61 35.78 9.75
C ASP D 183 6.22 34.78 10.82
N SER D 184 6.22 35.24 12.07
CA SER D 184 5.86 34.39 13.20
C SER D 184 4.36 34.13 13.26
N PRO D 185 3.97 32.94 13.71
CA PRO D 185 2.55 32.70 13.93
C PRO D 185 1.97 33.59 15.04
N LYS D 186 0.72 34.01 14.83
CA LYS D 186 -0.12 34.60 15.87
C LYS D 186 -1.08 33.51 16.24
N ALA D 187 -1.15 33.12 17.52
CA ALA D 187 -1.98 32.00 17.91
C ALA D 187 -3.14 32.38 18.83
N HIS D 188 -4.22 31.61 18.77
CA HIS D 188 -5.31 31.75 19.74
C HIS D 188 -6.08 30.45 19.85
N VAL D 189 -6.79 30.28 20.96
CA VAL D 189 -7.59 29.07 21.17
C VAL D 189 -9.09 29.43 21.11
N THR D 190 -9.83 28.64 20.33
CA THR D 190 -11.28 28.76 20.31
C THR D 190 -11.95 27.57 21.01
N HIS D 191 -13.21 27.75 21.38
CA HIS D 191 -13.96 26.82 22.20
C HIS D 191 -15.28 26.48 21.50
N HIS D 192 -15.56 25.18 21.31
CA HIS D 192 -16.77 24.73 20.60
C HIS D 192 -17.42 23.54 21.29
N SER D 193 -18.74 23.43 21.18
CA SER D 193 -19.51 22.36 21.84
C SER D 193 -19.35 20.98 21.20
N ARG D 194 -19.51 19.94 22.02
CA ARG D 194 -19.62 18.57 21.56
C ARG D 194 -20.85 17.95 22.21
N PRO D 195 -21.35 16.81 21.69
CA PRO D 195 -22.45 16.14 22.40
C PRO D 195 -22.13 15.89 23.86
N GLU D 196 -23.12 16.09 24.71
CA GLU D 196 -23.03 15.85 26.15
C GLU D 196 -21.98 16.75 26.84
N ASP D 197 -21.14 16.10 27.63
CA ASP D 197 -20.24 16.75 28.57
C ASP D 197 -18.84 16.96 28.00
N LYS D 198 -18.77 17.16 26.68
CA LYS D 198 -17.49 17.34 25.98
C LYS D 198 -17.43 18.69 25.27
N VAL D 199 -16.21 19.19 25.10
CA VAL D 199 -15.99 20.41 24.35
C VAL D 199 -14.77 20.24 23.43
N THR D 200 -14.71 21.08 22.40
CA THR D 200 -13.56 21.10 21.49
C THR D 200 -12.74 22.37 21.73
N LEU D 201 -11.44 22.18 21.92
CA LEU D 201 -10.50 23.26 22.02
C LEU D 201 -9.70 23.23 20.75
N ARG D 202 -9.67 24.34 20.04
CA ARG D 202 -9.00 24.43 18.75
C ARG D 202 -7.95 25.51 18.82
N CYS D 203 -6.71 25.11 18.58
CA CYS D 203 -5.61 26.03 18.68
C CYS D 203 -5.19 26.45 17.27
N TRP D 204 -5.25 27.76 17.00
CA TRP D 204 -5.04 28.29 15.66
C TRP D 204 -3.69 28.96 15.57
N ALA D 205 -2.95 28.70 14.50
CA ALA D 205 -1.76 29.47 14.16
C ALA D 205 -2.00 30.13 12.79
N LEU D 206 -1.83 31.45 12.76
CA LEU D 206 -2.16 32.26 11.60
C LEU D 206 -1.04 33.21 11.23
N GLY D 207 -0.95 33.51 9.93
CA GLY D 207 -0.05 34.57 9.46
C GLY D 207 1.43 34.21 9.47
N PHE D 208 1.75 32.92 9.44
CA PHE D 208 3.17 32.50 9.49
C PHE D 208 3.80 32.17 8.15
N TYR D 209 5.12 32.31 8.13
CA TYR D 209 5.94 31.97 6.98
C TYR D 209 7.37 31.67 7.47
N PRO D 210 7.99 30.58 6.97
CA PRO D 210 7.56 29.54 6.02
C PRO D 210 6.46 28.66 6.58
N ALA D 211 5.95 27.76 5.75
CA ALA D 211 4.83 26.90 6.12
C ALA D 211 5.15 25.89 7.22
N ASP D 212 6.42 25.53 7.39
CA ASP D 212 6.85 24.57 8.40
C ASP D 212 6.47 25.02 9.80
N ILE D 213 5.62 24.24 10.47
CA ILE D 213 5.13 24.56 11.81
C ILE D 213 4.74 23.26 12.53
N THR D 214 4.74 23.29 13.86
CA THR D 214 4.21 22.17 14.65
C THR D 214 3.32 22.73 15.74
N LEU D 215 2.12 22.17 15.85
CA LEU D 215 1.19 22.48 16.93
C LEU D 215 0.99 21.22 17.76
N THR D 216 0.99 21.35 19.08
CA THR D 216 0.78 20.19 19.95
C THR D 216 -0.19 20.56 21.05
N TRP D 217 -0.95 19.58 21.54
CA TRP D 217 -1.72 19.75 22.76
C TRP D 217 -1.12 18.88 23.86
N GLN D 218 -1.05 19.44 25.06
CA GLN D 218 -0.55 18.71 26.21
C GLN D 218 -1.61 18.67 27.31
N LEU D 219 -1.72 17.52 27.97
CA LEU D 219 -2.47 17.40 29.22
C LEU D 219 -1.44 17.18 30.32
N ASN D 220 -1.30 18.17 31.19
CA ASN D 220 -0.30 18.16 32.27
C ASN D 220 1.03 17.56 31.79
N GLY D 221 1.63 18.19 30.77
CA GLY D 221 2.98 17.86 30.33
C GLY D 221 3.18 16.68 29.39
N GLU D 222 2.11 15.95 29.08
CA GLU D 222 2.21 14.88 28.09
C GLU D 222 1.52 15.28 26.80
N GLU D 223 2.22 15.11 25.67
CA GLU D 223 1.67 15.40 24.35
C GLU D 223 0.60 14.40 23.94
N LEU D 224 -0.57 14.93 23.59
CA LEU D 224 -1.69 14.10 23.17
C LEU D 224 -1.43 13.51 21.78
N ILE D 225 -0.64 12.44 21.75
CA ILE D 225 -0.17 11.77 20.51
C ILE D 225 -1.31 11.20 19.66
N GLN D 226 -2.30 10.62 20.32
CA GLN D 226 -3.55 10.24 19.66
C GLN D 226 -4.61 11.26 20.07
N ASP D 227 -5.85 11.03 19.65
CA ASP D 227 -7.02 11.90 19.96
C ASP D 227 -6.98 13.39 19.53
N MET D 228 -5.92 13.80 18.83
CA MET D 228 -5.81 15.17 18.32
C MET D 228 -6.16 15.25 16.82
N GLU D 229 -7.01 16.21 16.46
CA GLU D 229 -7.30 16.49 15.04
C GLU D 229 -6.45 17.64 14.52
N LEU D 230 -5.91 17.46 13.32
CA LEU D 230 -5.07 18.46 12.68
C LEU D 230 -5.65 18.77 11.30
N VAL D 231 -5.34 19.94 10.76
CA VAL D 231 -5.49 20.15 9.32
C VAL D 231 -4.11 20.30 8.69
N GLU D 232 -4.03 19.94 7.41
CA GLU D 232 -2.83 20.19 6.64
C GLU D 232 -2.61 21.69 6.59
N THR D 233 -1.37 22.11 6.74
CA THR D 233 -1.01 23.52 6.60
C THR D 233 -1.50 24.03 5.25
N ARG D 234 -2.09 25.22 5.26
CA ARG D 234 -2.81 25.76 4.11
C ARG D 234 -2.50 27.25 3.88
N PRO D 235 -2.41 27.67 2.61
CA PRO D 235 -2.07 29.05 2.34
C PRO D 235 -3.24 30.01 2.65
N ALA D 236 -2.94 31.15 3.25
CA ALA D 236 -3.95 32.18 3.47
C ALA D 236 -4.30 32.90 2.17
N GLY D 237 -3.38 32.86 1.21
CA GLY D 237 -3.58 33.52 -0.09
C GLY D 237 -2.82 34.83 -0.20
N ASP D 238 -2.20 35.26 0.90
CA ASP D 238 -1.43 36.51 0.95
C ASP D 238 0.08 36.25 1.18
N GLY D 239 0.50 35.00 1.02
CA GLY D 239 1.91 34.63 1.21
C GLY D 239 2.20 33.99 2.57
N THR D 240 1.22 34.04 3.47
CA THR D 240 1.33 33.42 4.79
C THR D 240 0.48 32.14 4.88
N PHE D 241 0.66 31.38 5.97
CA PHE D 241 0.03 30.08 6.10
C PHE D 241 -0.79 29.98 7.37
N GLN D 242 -1.65 28.96 7.42
CA GLN D 242 -2.51 28.67 8.57
C GLN D 242 -2.45 27.20 8.92
N LYS D 243 -2.70 26.90 10.19
CA LYS D 243 -2.88 25.53 10.63
C LYS D 243 -3.69 25.58 11.91
N TRP D 244 -4.39 24.51 12.19
CA TRP D 244 -4.98 24.34 13.52
C TRP D 244 -4.88 22.90 13.99
N ALA D 245 -4.99 22.75 15.30
CA ALA D 245 -4.97 21.45 15.96
C ALA D 245 -6.01 21.51 17.06
N SER D 246 -6.87 20.51 17.12
CA SER D 246 -7.93 20.51 18.13
C SER D 246 -7.98 19.22 18.93
N VAL D 247 -8.52 19.30 20.14
CA VAL D 247 -8.73 18.14 20.99
C VAL D 247 -10.10 18.20 21.62
N VAL D 248 -10.67 17.04 21.91
CA VAL D 248 -11.95 16.96 22.64
C VAL D 248 -11.64 16.70 24.10
N VAL D 249 -12.16 17.55 24.98
CA VAL D 249 -11.86 17.46 26.40
C VAL D 249 -13.17 17.50 27.20
N PRO D 250 -13.13 17.06 28.48
CA PRO D 250 -14.34 17.18 29.31
C PRO D 250 -14.72 18.63 29.64
N LEU D 251 -16.02 18.88 29.66
CA LEU D 251 -16.56 20.16 30.08
C LEU D 251 -16.08 20.47 31.50
N GLY D 252 -15.51 21.66 31.68
CA GLY D 252 -14.96 22.05 32.99
C GLY D 252 -13.48 21.74 33.19
N LYS D 253 -12.87 21.01 32.26
CA LYS D 253 -11.45 20.64 32.37
C LYS D 253 -10.55 21.40 31.38
N GLU D 254 -11.09 22.46 30.76
CA GLU D 254 -10.39 23.20 29.70
C GLU D 254 -9.02 23.76 30.13
N GLN D 255 -8.92 24.16 31.39
CA GLN D 255 -7.68 24.69 31.96
C GLN D 255 -6.61 23.64 32.25
N TYR D 256 -6.92 22.38 32.01
CA TYR D 256 -5.96 21.31 32.20
C TYR D 256 -5.07 21.12 30.97
N TYR D 257 -5.38 21.84 29.89
CA TYR D 257 -4.77 21.60 28.58
C TYR D 257 -4.06 22.83 28.07
N THR D 258 -2.91 22.63 27.43
CA THR D 258 -2.14 23.72 26.87
C THR D 258 -1.74 23.38 25.44
N CYS D 259 -1.84 24.37 24.56
CA CYS D 259 -1.37 24.26 23.18
C CYS D 259 0.02 24.83 23.06
N HIS D 260 0.84 24.17 22.26
CA HIS D 260 2.21 24.60 22.05
C HIS D 260 2.45 24.83 20.56
N VAL D 261 3.04 25.97 20.22
CA VAL D 261 3.26 26.34 18.82
C VAL D 261 4.74 26.51 18.55
N TYR D 262 5.28 25.71 17.63
CA TYR D 262 6.73 25.71 17.32
C TYR D 262 6.97 26.21 15.90
N HIS D 263 7.72 27.31 15.76
CA HIS D 263 7.98 27.89 14.45
C HIS D 263 9.32 28.63 14.47
N GLN D 264 10.06 28.52 13.39
CA GLN D 264 11.40 29.10 13.28
C GLN D 264 11.44 30.63 13.51
N GLY D 265 10.33 31.30 13.25
CA GLY D 265 10.25 32.74 13.47
C GLY D 265 10.14 33.15 14.92
N LEU D 266 9.76 32.22 15.79
CA LEU D 266 9.54 32.55 17.20
C LEU D 266 10.84 32.57 18.02
N PRO D 267 10.98 33.54 18.95
CA PRO D 267 12.12 33.52 19.86
C PRO D 267 12.06 32.31 20.80
N GLU D 268 10.83 31.87 21.11
CA GLU D 268 10.61 30.62 21.81
C GLU D 268 9.20 30.12 21.50
N PRO D 269 8.93 28.81 21.72
CA PRO D 269 7.60 28.30 21.41
C PRO D 269 6.50 29.01 22.19
N LEU D 270 5.33 29.15 21.56
CA LEU D 270 4.17 29.74 22.21
C LEU D 270 3.48 28.68 23.05
N THR D 271 3.00 29.09 24.22
CA THR D 271 2.18 28.25 25.10
C THR D 271 0.87 28.98 25.31
N LEU D 272 -0.24 28.30 25.03
CA LEU D 272 -1.56 28.94 25.12
C LEU D 272 -2.58 28.03 25.79
N ARG D 273 -3.58 28.65 26.40
CA ARG D 273 -4.73 27.91 26.92
C ARG D 273 -6.02 28.62 26.48
N TRP D 274 -7.13 27.89 26.59
CA TRP D 274 -8.44 28.49 26.43
C TRP D 274 -8.61 29.61 27.46
N GLU D 275 -8.99 30.80 26.98
CA GLU D 275 -9.22 31.94 27.85
C GLU D 275 -10.64 32.48 27.65
N PRO D 276 -11.55 32.07 28.54
CA PRO D 276 -12.91 32.61 28.50
C PRO D 276 -12.89 34.10 28.83
N PRO D 277 -13.58 34.92 28.01
CA PRO D 277 -13.65 36.36 28.30
C PRO D 277 -14.23 36.66 29.70
N PRO D 278 -13.86 37.83 30.27
CA PRO D 278 -14.48 38.32 31.52
C PRO D 278 -15.99 38.49 31.38
N SER D 279 -16.74 38.34 32.35
N ILE E 1 19.47 28.64 -13.89
CA ILE E 1 18.95 28.34 -15.24
C ILE E 1 18.71 26.84 -15.37
N ASN E 2 17.81 26.47 -16.28
CA ASN E 2 17.38 25.09 -16.43
C ASN E 2 18.31 24.31 -17.35
N PHE E 3 18.17 22.99 -17.35
CA PHE E 3 18.84 22.09 -18.26
C PHE E 3 18.19 22.15 -19.64
N ASP E 4 18.98 21.92 -20.69
CA ASP E 4 18.45 21.67 -22.04
C ASP E 4 18.10 20.20 -22.17
N PHE E 5 16.80 19.90 -22.22
CA PHE E 5 16.36 18.51 -22.24
C PHE E 5 16.45 17.90 -23.64
N ASN E 6 17.02 16.70 -23.72
CA ASN E 6 16.87 15.89 -24.93
C ASN E 6 15.56 15.11 -24.82
N THR E 7 15.40 14.09 -25.65
CA THR E 7 14.17 13.31 -25.68
C THR E 7 14.37 11.91 -25.10
N ILE E 8 13.26 11.35 -24.63
CA ILE E 8 13.26 10.00 -24.05
C ILE E 8 13.21 8.91 -25.13
N ILE F 1 -2.04 5.74 -12.53
CA ILE F 1 -2.98 5.77 -11.37
C ILE F 1 -3.44 7.20 -11.10
N GLN F 2 -4.74 7.40 -11.02
CA GLN F 2 -5.33 8.72 -10.76
C GLN F 2 -5.42 9.03 -9.26
N LYS F 3 -5.13 10.28 -8.90
CA LYS F 3 -5.18 10.70 -7.51
C LYS F 3 -6.36 11.62 -7.23
N THR F 4 -7.12 11.27 -6.18
CA THR F 4 -8.32 12.01 -5.76
C THR F 4 -8.02 13.29 -4.97
N PRO F 5 -8.56 14.44 -5.41
CA PRO F 5 -8.29 15.71 -4.76
C PRO F 5 -8.71 15.74 -3.29
N GLN F 6 -7.85 16.32 -2.45
CA GLN F 6 -8.21 16.68 -1.08
C GLN F 6 -8.60 18.15 -1.08
N ILE F 7 -9.61 18.51 -0.29
CA ILE F 7 -10.19 19.86 -0.32
C ILE F 7 -10.27 20.50 1.07
N GLN F 8 -9.87 21.76 1.16
CA GLN F 8 -10.14 22.57 2.35
C GLN F 8 -10.80 23.86 1.92
N VAL F 9 -11.88 24.20 2.63
CA VAL F 9 -12.59 25.47 2.44
C VAL F 9 -12.50 26.28 3.74
N TYR F 10 -12.04 27.53 3.61
CA TYR F 10 -11.70 28.33 4.78
C TYR F 10 -11.50 29.81 4.42
N SER F 11 -11.63 30.68 5.41
CA SER F 11 -11.47 32.10 5.18
C SER F 11 -10.00 32.51 5.38
N ARG F 12 -9.62 33.59 4.73
CA ARG F 12 -8.26 34.13 4.87
C ARG F 12 -8.08 34.73 6.27
N HIS F 13 -9.10 35.44 6.73
CA HIS F 13 -9.10 36.07 8.05
C HIS F 13 -10.16 35.41 8.91
N PRO F 14 -10.01 35.46 10.25
CA PRO F 14 -11.10 34.97 11.09
C PRO F 14 -12.41 35.66 10.71
N PRO F 15 -13.47 34.87 10.53
CA PRO F 15 -14.73 35.42 10.02
C PRO F 15 -15.46 36.29 11.03
N GLU F 16 -15.93 37.44 10.57
CA GLU F 16 -16.75 38.33 11.37
C GLU F 16 -17.94 38.69 10.51
N ASN F 17 -19.14 38.43 11.04
CA ASN F 17 -20.36 38.77 10.32
C ASN F 17 -20.36 40.23 9.89
N GLY F 18 -20.63 40.46 8.61
CA GLY F 18 -20.68 41.81 8.06
C GLY F 18 -19.34 42.42 7.65
N LYS F 19 -18.25 41.68 7.81
CA LYS F 19 -16.93 42.21 7.43
C LYS F 19 -16.37 41.49 6.21
N PRO F 20 -16.01 42.25 5.15
CA PRO F 20 -15.40 41.66 3.95
C PRO F 20 -14.21 40.76 4.29
N ASN F 21 -14.12 39.66 3.57
CA ASN F 21 -13.13 38.62 3.83
C ASN F 21 -12.85 37.97 2.47
N ILE F 22 -12.05 36.91 2.48
CA ILE F 22 -11.75 36.13 1.29
C ILE F 22 -12.01 34.67 1.67
N LEU F 23 -12.77 33.97 0.83
CA LEU F 23 -12.99 32.54 1.00
C LEU F 23 -12.11 31.73 0.06
N ASN F 24 -11.39 30.77 0.63
CA ASN F 24 -10.42 29.94 -0.08
C ASN F 24 -10.96 28.54 -0.26
N CYS F 25 -10.57 27.93 -1.37
CA CYS F 25 -10.78 26.51 -1.60
C CYS F 25 -9.44 25.99 -2.06
N TYR F 26 -8.74 25.31 -1.15
CA TYR F 26 -7.40 24.79 -1.41
C TYR F 26 -7.55 23.35 -1.83
N VAL F 27 -7.07 23.03 -3.02
CA VAL F 27 -7.26 21.69 -3.59
C VAL F 27 -5.90 21.06 -3.87
N THR F 28 -5.67 19.88 -3.31
CA THR F 28 -4.36 19.24 -3.36
C THR F 28 -4.47 17.77 -3.73
N GLN F 29 -3.33 17.16 -4.01
CA GLN F 29 -3.18 15.71 -4.17
C GLN F 29 -3.94 15.13 -5.37
N PHE F 30 -4.10 15.90 -6.44
CA PHE F 30 -4.84 15.40 -7.59
C PHE F 30 -3.97 15.17 -8.82
N HIS F 31 -4.40 14.22 -9.65
CA HIS F 31 -3.73 13.86 -10.89
C HIS F 31 -4.73 13.03 -11.69
N PRO F 32 -5.02 13.43 -12.94
CA PRO F 32 -4.45 14.46 -13.82
C PRO F 32 -4.65 15.92 -13.38
N PRO F 33 -3.88 16.85 -13.96
CA PRO F 33 -3.99 18.28 -13.66
C PRO F 33 -5.33 18.95 -14.05
N HIS F 34 -6.06 18.38 -15.02
CA HIS F 34 -7.36 18.95 -15.37
C HIS F 34 -8.32 18.88 -14.18
N ILE F 35 -8.81 20.04 -13.76
CA ILE F 35 -9.76 20.13 -12.65
C ILE F 35 -10.72 21.30 -12.85
N GLU F 36 -11.96 21.14 -12.36
CA GLU F 36 -12.93 22.22 -12.39
C GLU F 36 -13.40 22.53 -10.98
N ILE F 37 -13.25 23.79 -10.58
CA ILE F 37 -13.57 24.24 -9.23
C ILE F 37 -14.59 25.36 -9.28
N GLN F 38 -15.70 25.17 -8.56
CA GLN F 38 -16.72 26.18 -8.42
C GLN F 38 -16.87 26.54 -6.96
N MET F 39 -17.24 27.79 -6.70
CA MET F 39 -17.61 28.21 -5.35
C MET F 39 -19.09 28.59 -5.36
N LEU F 40 -19.80 28.18 -4.30
CA LEU F 40 -21.26 28.32 -4.22
C LEU F 40 -21.67 29.14 -3.02
N LYS F 41 -22.59 30.07 -3.24
CA LYS F 41 -23.24 30.78 -2.15
C LYS F 41 -24.70 30.40 -2.13
N ASN F 42 -25.11 29.76 -1.03
CA ASN F 42 -26.48 29.28 -0.86
C ASN F 42 -26.95 28.38 -2.03
N GLY F 43 -26.04 27.52 -2.48
CA GLY F 43 -26.32 26.58 -3.57
C GLY F 43 -26.16 27.16 -4.97
N LYS F 44 -25.83 28.45 -5.07
CA LYS F 44 -25.77 29.14 -6.36
C LYS F 44 -24.32 29.49 -6.73
N LYS F 45 -23.93 29.21 -7.97
CA LYS F 45 -22.58 29.50 -8.42
C LYS F 45 -22.19 30.96 -8.22
N ILE F 46 -21.02 31.18 -7.60
CA ILE F 46 -20.40 32.49 -7.47
C ILE F 46 -19.60 32.73 -8.75
N PRO F 47 -19.91 33.83 -9.48
CA PRO F 47 -19.31 34.09 -10.78
C PRO F 47 -17.82 34.49 -10.76
N LYS F 48 -17.41 35.31 -9.80
CA LYS F 48 -16.05 35.85 -9.78
C LYS F 48 -15.15 35.09 -8.80
N VAL F 49 -14.59 33.98 -9.29
CA VAL F 49 -13.69 33.11 -8.52
C VAL F 49 -12.33 33.10 -9.21
N GLU F 50 -11.31 33.55 -8.50
CA GLU F 50 -9.95 33.60 -9.04
C GLU F 50 -9.21 32.31 -8.71
N MET F 51 -8.32 31.92 -9.62
CA MET F 51 -7.56 30.68 -9.51
C MET F 51 -6.08 30.98 -9.52
N SER F 52 -5.35 30.41 -8.56
CA SER F 52 -3.89 30.52 -8.61
C SER F 52 -3.36 29.71 -9.82
N ASP F 53 -2.11 29.96 -10.18
CA ASP F 53 -1.42 29.10 -11.15
C ASP F 53 -1.26 27.71 -10.56
N MET F 54 -1.17 26.70 -11.41
CA MET F 54 -1.06 25.33 -10.90
C MET F 54 0.39 24.93 -10.74
N SER F 55 0.63 24.18 -9.66
CA SER F 55 1.95 23.68 -9.33
C SER F 55 1.80 22.21 -9.00
N PHE F 56 2.92 21.49 -8.90
CA PHE F 56 2.89 20.11 -8.44
C PHE F 56 3.97 19.88 -7.41
N SER F 57 3.79 18.81 -6.63
CA SER F 57 4.66 18.45 -5.49
C SER F 57 5.60 17.32 -5.85
N LYS F 58 6.55 17.01 -4.95
CA LYS F 58 7.54 15.98 -5.25
C LYS F 58 6.90 14.59 -5.46
N ASP F 59 5.67 14.40 -5.00
CA ASP F 59 4.92 13.15 -5.28
C ASP F 59 4.16 13.16 -6.62
N TRP F 60 4.39 14.22 -7.41
CA TRP F 60 3.85 14.40 -8.77
C TRP F 60 2.43 14.97 -8.82
N SER F 61 1.78 15.03 -7.66
CA SER F 61 0.40 15.48 -7.59
C SER F 61 0.32 17.02 -7.65
N PHE F 62 -0.79 17.51 -8.17
CA PHE F 62 -0.98 18.93 -8.38
C PHE F 62 -1.71 19.58 -7.23
N TYR F 63 -1.56 20.90 -7.13
CA TYR F 63 -2.29 21.68 -6.13
C TYR F 63 -2.59 23.07 -6.66
N ILE F 64 -3.65 23.65 -6.12
CA ILE F 64 -4.17 24.91 -6.63
C ILE F 64 -5.05 25.56 -5.57
N LEU F 65 -5.06 26.89 -5.56
CA LEU F 65 -5.90 27.63 -4.65
C LEU F 65 -6.89 28.50 -5.44
N ALA F 66 -8.17 28.26 -5.18
CA ALA F 66 -9.26 29.09 -5.67
C ALA F 66 -9.72 30.02 -4.57
N HIS F 67 -10.11 31.25 -4.93
CA HIS F 67 -10.54 32.22 -3.94
C HIS F 67 -11.54 33.25 -4.47
N THR F 68 -12.38 33.75 -3.58
CA THR F 68 -13.38 34.77 -3.90
C THR F 68 -13.58 35.71 -2.72
N GLU F 69 -13.92 36.96 -3.02
CA GLU F 69 -14.30 37.92 -1.99
C GLU F 69 -15.68 37.56 -1.43
N PHE F 70 -15.84 37.65 -0.12
CA PHE F 70 -17.14 37.40 0.47
C PHE F 70 -17.27 38.11 1.82
N THR F 71 -18.51 38.40 2.18
CA THR F 71 -18.81 39.03 3.44
C THR F 71 -19.74 38.07 4.16
N PRO F 72 -19.19 37.30 5.13
CA PRO F 72 -19.94 36.28 5.86
C PRO F 72 -21.10 36.85 6.64
N THR F 73 -22.18 36.10 6.72
CA THR F 73 -23.30 36.43 7.61
C THR F 73 -23.64 35.21 8.46
N GLU F 74 -24.56 35.41 9.40
CA GLU F 74 -25.01 34.36 10.27
C GLU F 74 -25.54 33.15 9.48
N THR F 75 -26.29 33.40 8.42
CA THR F 75 -27.10 32.36 7.78
C THR F 75 -26.73 31.98 6.34
N ASP F 76 -25.85 32.75 5.70
CA ASP F 76 -25.39 32.38 4.36
C ASP F 76 -24.47 31.18 4.43
N THR F 77 -24.69 30.23 3.51
CA THR F 77 -23.91 29.00 3.40
C THR F 77 -22.95 29.11 2.22
N TYR F 78 -21.70 28.72 2.44
CA TYR F 78 -20.71 28.68 1.35
C TYR F 78 -20.15 27.28 1.18
N ALA F 79 -19.78 26.96 -0.06
CA ALA F 79 -19.21 25.67 -0.40
C ALA F 79 -18.29 25.78 -1.61
N CYS F 80 -17.44 24.77 -1.77
CA CYS F 80 -16.60 24.63 -2.94
C CYS F 80 -16.92 23.27 -3.59
N ARG F 81 -17.14 23.29 -4.89
CA ARG F 81 -17.47 22.08 -5.62
C ARG F 81 -16.38 21.78 -6.62
N VAL F 82 -15.86 20.57 -6.55
CA VAL F 82 -14.73 20.17 -7.35
C VAL F 82 -15.07 19.00 -8.25
N LYS F 83 -14.83 19.16 -9.54
CA LYS F 83 -15.00 18.10 -10.52
C LYS F 83 -13.62 17.69 -11.03
N HIS F 84 -13.35 16.39 -10.93
CA HIS F 84 -12.07 15.83 -11.33
C HIS F 84 -12.27 14.37 -11.74
N ASP F 85 -11.53 13.91 -12.75
CA ASP F 85 -11.71 12.56 -13.34
C ASP F 85 -11.54 11.38 -12.39
N SER F 86 -10.79 11.57 -11.30
CA SER F 86 -10.60 10.54 -10.28
C SER F 86 -11.89 10.18 -9.54
N MET F 87 -12.90 11.04 -9.65
CA MET F 87 -14.16 10.88 -8.93
C MET F 87 -15.34 10.74 -9.87
N ALA F 88 -16.27 9.86 -9.52
CA ALA F 88 -17.46 9.61 -10.33
C ALA F 88 -18.43 10.79 -10.37
N GLU F 89 -18.48 11.54 -9.26
CA GLU F 89 -19.32 12.73 -9.15
C GLU F 89 -18.53 13.90 -8.56
N PRO F 90 -18.95 15.15 -8.86
CA PRO F 90 -18.29 16.31 -8.25
C PRO F 90 -18.44 16.30 -6.74
N LYS F 91 -17.36 16.65 -6.04
CA LYS F 91 -17.35 16.66 -4.58
C LYS F 91 -17.61 18.08 -4.05
N THR F 92 -18.58 18.21 -3.17
CA THR F 92 -18.89 19.48 -2.52
C THR F 92 -18.49 19.50 -1.05
N VAL F 93 -17.64 20.46 -0.69
CA VAL F 93 -17.19 20.63 0.68
C VAL F 93 -17.73 21.97 1.18
N TYR F 94 -18.44 21.93 2.31
CA TYR F 94 -19.03 23.14 2.91
C TYR F 94 -18.08 23.88 3.82
N TRP F 95 -18.18 25.22 3.80
CA TRP F 95 -17.44 26.07 4.70
C TRP F 95 -17.95 25.91 6.14
N ASP F 96 -17.02 25.67 7.06
CA ASP F 96 -17.33 25.66 8.49
C ASP F 96 -16.49 26.78 9.10
N ARG F 97 -17.15 27.82 9.60
CA ARG F 97 -16.44 28.99 10.12
C ARG F 97 -15.59 28.71 11.36
N ASP F 98 -15.75 27.51 11.93
CA ASP F 98 -14.95 27.09 13.10
C ASP F 98 -13.74 26.25 12.67
N MET F 99 -13.56 26.09 11.36
CA MET F 99 -12.50 25.23 10.83
C MET F 99 -11.68 25.94 9.76
#